data_6HHC
#
_entry.id   6HHC
#
_cell.length_a   61.941
_cell.length_b   70.679
_cell.length_c   185.893
_cell.angle_alpha   90.000
_cell.angle_beta   90.000
_cell.angle_gamma   90.000
#
_symmetry.space_group_name_H-M   'P 21 2 21'
#
loop_
_entity.id
_entity.type
_entity.pdbx_description
1 polymer 'FXIA ANTIBODY FAB LIGHT CHAIN'
2 polymer 'FXIA ANTIBODY FAB HEAVY CHAIN'
3 polymer 'Coagulation factor XI'
4 non-polymer 'SULFATE ION'
5 non-polymer 'DIMETHYL SULFOXIDE'
#
loop_
_entity_poly.entity_id
_entity_poly.type
_entity_poly.pdbx_seq_one_letter_code
_entity_poly.pdbx_strand_id
1 'polypeptide(L)'
;AQDIQMTQSPSSLSASVGDRVTITCQASQDISNYLNWYQQKPGKAPKLLIYDASNLETGVPSRFSGSGSGTDFTFTISSL
QPEDIATYYCQQANSFPVTFGGGTKVEIKRTVAAPSVFIFPPSDEQLKSGTASVVCLLNNFYSREAKVQWKVDNALQSGN
SQESVTEQDSKDSTYSLSSTLTLSKADYEKHKVYACEVTHQGLSSPVTKSFNRGEC
;
L
2 'polypeptide(L)'
;EVQLLESGGGLVQPGGSLRLSCAASGFTFSQYGMDWVRQAPGKGLEWVSGIGPSGGSTVYADSVKGRFTISRDNSKNTLY
LQMNSLRAEDTAVYYCTRGGPYYYYGMDVWGQGTTVTVSSASTKGPSVFPLAPSSKSTSGGTAALGCLVKDYFPEPVTVS
WNSGALTSGVHTFPAVLQSSGLYSLSSVVTVPSSSLGTQTYICNVNHKPSNTKVDKKVEPKSCDKTH
;
H
3 'polypeptide(L)'
;IVGGTASVRGEWPWQVTLHTTSPTQRHLCGGSIIGNQWILTAAHCFYGVESPKILRVYSGILNQSEIKEDTSFFGVQEII
IHDQYKMAESGYDIALLKLETTVNYTDSQRPISLPSKGDRNVIYTDCWVTGWGYRKLRDKIQNTLQKAKIPLVTNEECQK
RYRGHKITHKMICAGYREGGKDACKGDSGGPLSCKHNEVWHLVGITSWGEGCAQRERPGVYTNVVEYVDWILEKTQAV
;
A
#
loop_
_chem_comp.id
_chem_comp.type
_chem_comp.name
_chem_comp.formula
DMS non-polymer 'DIMETHYL SULFOXIDE' 'C2 H6 O S'
SO4 non-polymer 'SULFATE ION' 'O4 S -2'
#
# COMPACT_ATOMS: atom_id res chain seq x y z
N ASP A 3 -20.50 10.17 0.48
CA ASP A 3 -19.10 10.10 1.00
C ASP A 3 -18.80 8.90 1.96
N ILE A 4 -17.97 7.95 1.53
CA ILE A 4 -18.05 6.57 2.04
C ILE A 4 -17.27 6.29 3.30
N GLN A 5 -17.91 5.66 4.27
CA GLN A 5 -17.26 5.55 5.57
C GLN A 5 -16.98 4.10 5.89
N MET A 6 -15.83 3.86 6.51
CA MET A 6 -15.30 2.52 6.70
C MET A 6 -15.10 2.26 8.17
N THR A 7 -15.84 1.27 8.62
CA THR A 7 -15.99 0.88 9.97
C THR A 7 -15.19 -0.39 10.07
N GLN A 8 -14.11 -0.34 10.81
CA GLN A 8 -13.21 -1.47 11.04
C GLN A 8 -13.39 -2.01 12.41
N SER A 9 -13.20 -3.30 12.58
CA SER A 9 -13.48 -3.87 13.88
C SER A 9 -12.87 -5.27 13.99
N PRO A 10 -12.34 -5.63 15.15
CA PRO A 10 -12.30 -4.82 16.37
C PRO A 10 -11.16 -3.84 16.33
N SER A 11 -11.02 -3.01 17.35
CA SER A 11 -10.01 -1.96 17.39
C SER A 11 -8.60 -2.47 17.68
N SER A 12 -8.52 -3.41 18.58
CA SER A 12 -7.35 -4.13 18.92
C SER A 12 -7.73 -5.61 19.24
N LEU A 13 -6.78 -6.54 19.10
CA LEU A 13 -6.98 -7.89 19.59
C LEU A 13 -5.69 -8.60 20.02
N SER A 14 -5.86 -9.70 20.74
CA SER A 14 -4.73 -10.43 21.29
C SER A 14 -4.98 -11.84 20.98
N ALA A 15 -3.95 -12.51 20.51
CA ALA A 15 -4.08 -13.91 20.27
C ALA A 15 -2.72 -14.53 20.31
N SER A 16 -2.77 -15.85 20.50
CA SER A 16 -1.59 -16.67 20.55
C SER A 16 -1.13 -17.01 19.15
N VAL A 17 0.17 -17.18 19.03
CA VAL A 17 0.78 -17.68 17.78
C VAL A 17 0.05 -18.96 17.37
N GLY A 18 -0.23 -19.08 16.08
CA GLY A 18 -0.97 -20.24 15.54
C GLY A 18 -2.46 -20.08 15.37
N ASP A 19 -3.09 -19.15 16.11
CA ASP A 19 -4.55 -18.97 16.04
C ASP A 19 -5.03 -18.31 14.74
N ARG A 20 -6.31 -18.57 14.45
CA ARG A 20 -7.05 -17.84 13.43
C ARG A 20 -7.24 -16.45 14.03
N VAL A 21 -6.99 -15.42 13.22
CA VAL A 21 -7.34 -14.04 13.55
C VAL A 21 -8.19 -13.52 12.40
N THR A 22 -9.23 -12.81 12.75
CA THR A 22 -10.19 -12.40 11.76
C THR A 22 -10.53 -10.97 12.11
N ILE A 23 -10.44 -10.08 11.12
CA ILE A 23 -10.71 -8.60 11.29
C ILE A 23 -11.80 -8.22 10.29
N THR A 24 -12.72 -7.35 10.64
CA THR A 24 -13.84 -7.00 9.72
C THR A 24 -13.84 -5.52 9.37
N CYS A 25 -14.47 -5.21 8.23
CA CYS A 25 -14.47 -3.85 7.66
C CYS A 25 -15.75 -3.72 6.92
N GLN A 26 -16.56 -2.76 7.34
CA GLN A 26 -17.86 -2.53 6.72
C GLN A 26 -17.87 -1.15 6.05
N ALA A 27 -18.21 -1.15 4.76
CA ALA A 27 -18.40 0.11 4.01
C ALA A 27 -19.83 0.59 4.13
N SER A 28 -20.00 1.87 4.40
CA SER A 28 -21.34 2.53 4.42
C SER A 28 -22.11 2.45 3.10
N GLN A 29 -21.52 2.01 1.98
CA GLN A 29 -22.31 1.61 0.82
C GLN A 29 -21.61 0.60 -0.15
N ASP A 30 -22.26 0.23 -1.24
CA ASP A 30 -21.74 -0.90 -2.05
C ASP A 30 -20.50 -0.46 -2.79
N ILE A 31 -19.37 -1.01 -2.44
CA ILE A 31 -18.12 -0.70 -3.10
C ILE A 31 -17.65 -1.92 -3.89
N SER A 32 -18.60 -2.86 -4.15
CA SER A 32 -18.29 -4.06 -4.91
C SER A 32 -17.00 -4.72 -4.36
N ASN A 33 -15.93 -4.85 -5.13
CA ASN A 33 -14.71 -5.41 -4.53
C ASN A 33 -13.51 -4.42 -4.46
N TYR A 34 -13.83 -3.11 -4.38
CA TYR A 34 -12.79 -2.09 -4.44
C TYR A 34 -12.32 -1.82 -3.05
N LEU A 35 -11.52 -2.75 -2.55
CA LEU A 35 -11.18 -2.78 -1.15
C LEU A 35 -9.76 -3.34 -0.98
N ASN A 36 -8.90 -2.62 -0.27
CA ASN A 36 -7.53 -3.03 -0.14
C ASN A 36 -7.21 -3.21 1.38
N TRP A 37 -6.27 -4.10 1.74
CA TRP A 37 -5.80 -4.19 3.12
C TRP A 37 -4.34 -3.92 3.27
N TYR A 38 -3.94 -3.24 4.37
CA TYR A 38 -2.51 -2.83 4.62
C TYR A 38 -2.08 -3.27 5.99
N GLN A 39 -0.81 -3.57 6.08
CA GLN A 39 -0.14 -3.92 7.29
C GLN A 39 0.85 -2.81 7.61
N GLN A 40 0.82 -2.29 8.81
CA GLN A 40 1.86 -1.40 9.22
C GLN A 40 2.55 -1.94 10.42
N LYS A 41 3.82 -2.22 10.24
CA LYS A 41 4.56 -2.79 11.33
C LYS A 41 5.14 -1.63 12.19
N PRO A 42 5.50 -1.93 13.42
CA PRO A 42 5.82 -0.78 14.26
C PRO A 42 7.09 -0.19 13.72
N GLY A 43 7.21 1.14 13.66
CA GLY A 43 8.36 1.81 13.12
C GLY A 43 8.35 1.88 11.62
N LYS A 44 7.47 1.19 10.92
CA LYS A 44 7.64 1.07 9.46
C LYS A 44 6.42 1.61 8.71
N ALA A 45 6.57 1.75 7.41
CA ALA A 45 5.56 2.35 6.58
C ALA A 45 4.54 1.29 6.31
N PRO A 46 3.29 1.67 6.16
CA PRO A 46 2.38 0.63 5.81
C PRO A 46 2.78 -0.02 4.53
N LYS A 47 2.27 -1.21 4.35
CA LYS A 47 2.51 -1.98 3.14
C LYS A 47 1.20 -2.67 2.69
N LEU A 48 1.03 -2.77 1.39
CA LEU A 48 -0.19 -3.30 0.83
C LEU A 48 -0.13 -4.84 0.79
N LEU A 49 -1.12 -5.52 1.42
CA LEU A 49 -1.19 -6.99 1.38
C LEU A 49 -2.24 -7.55 0.41
N ILE A 50 -3.44 -6.97 0.47
CA ILE A 50 -4.54 -7.50 -0.31
C ILE A 50 -5.17 -6.41 -1.10
N TYR A 51 -5.43 -6.69 -2.36
CA TYR A 51 -6.19 -5.75 -3.20
C TYR A 51 -7.45 -6.34 -3.76
N ASP A 52 -8.38 -5.50 -4.12
CA ASP A 52 -9.62 -5.99 -4.69
C ASP A 52 -10.23 -7.06 -3.81
N ALA A 53 -10.27 -6.82 -2.49
CA ALA A 53 -11.03 -7.67 -1.50
C ALA A 53 -10.33 -8.94 -1.06
N SER A 54 -9.77 -9.63 -2.06
CA SER A 54 -9.11 -10.97 -1.85
C SER A 54 -7.81 -11.28 -2.61
N ASN A 55 -7.42 -10.43 -3.55
CA ASN A 55 -6.20 -10.71 -4.29
C ASN A 55 -5.03 -10.36 -3.47
N LEU A 56 -4.10 -11.26 -3.48
CA LEU A 56 -3.01 -11.21 -2.56
C LEU A 56 -1.85 -10.85 -3.44
N GLU A 57 -1.10 -9.85 -2.99
CA GLU A 57 -0.04 -9.20 -3.78
C GLU A 57 1.21 -10.07 -3.70
N THR A 58 2.15 -9.79 -4.59
CA THR A 58 3.48 -10.38 -4.61
C THR A 58 4.21 -10.34 -3.30
N GLY A 59 4.86 -11.44 -2.96
CA GLY A 59 5.54 -11.57 -1.68
C GLY A 59 4.67 -11.83 -0.45
N VAL A 60 3.34 -11.75 -0.54
CA VAL A 60 2.60 -11.81 0.69
C VAL A 60 2.47 -13.29 1.06
N PRO A 61 2.80 -13.68 2.31
CA PRO A 61 2.70 -15.14 2.65
C PRO A 61 1.28 -15.69 2.64
N SER A 62 1.12 -17.01 2.52
CA SER A 62 -0.22 -17.60 2.25
C SER A 62 -1.20 -17.60 3.41
N ARG A 63 -0.73 -17.30 4.60
CA ARG A 63 -1.63 -17.16 5.77
C ARG A 63 -2.47 -15.89 5.70
N PHE A 64 -2.26 -14.98 4.76
CA PHE A 64 -3.13 -13.81 4.63
C PHE A 64 -4.14 -14.07 3.53
N SER A 65 -5.32 -13.53 3.70
CA SER A 65 -6.38 -13.69 2.74
C SER A 65 -7.49 -12.75 3.17
N GLY A 66 -8.41 -12.55 2.24
CA GLY A 66 -9.50 -11.67 2.47
C GLY A 66 -10.72 -12.13 1.75
N SER A 67 -11.87 -11.65 2.22
CA SER A 67 -13.09 -11.84 1.49
C SER A 67 -14.12 -10.76 1.74
N GLY A 68 -15.11 -10.80 0.86
CA GLY A 68 -16.26 -9.93 0.91
C GLY A 68 -16.46 -9.27 -0.45
N SER A 69 -17.71 -8.85 -0.68
CA SER A 69 -17.98 -7.78 -1.62
C SER A 69 -19.29 -7.10 -1.27
N GLY A 70 -19.47 -5.90 -1.78
CA GLY A 70 -20.59 -5.04 -1.44
C GLY A 70 -20.30 -4.19 -0.23
N THR A 71 -20.49 -4.77 0.93
CA THR A 71 -20.50 -3.99 2.16
C THR A 71 -19.72 -4.65 3.31
N ASP A 72 -19.60 -5.99 3.32
CA ASP A 72 -18.90 -6.67 4.41
C ASP A 72 -17.61 -7.39 3.98
N PHE A 73 -16.51 -6.96 4.62
CA PHE A 73 -15.24 -7.51 4.30
C PHE A 73 -14.62 -8.16 5.49
N THR A 74 -13.73 -9.09 5.22
CA THR A 74 -13.04 -9.83 6.25
C THR A 74 -11.57 -10.07 5.84
N PHE A 75 -10.69 -9.90 6.78
CA PHE A 75 -9.28 -10.12 6.57
C PHE A 75 -8.92 -11.13 7.62
N THR A 76 -8.15 -12.15 7.25
CA THR A 76 -7.89 -13.26 8.16
C THR A 76 -6.47 -13.68 8.03
N ILE A 77 -5.91 -14.04 9.17
CA ILE A 77 -4.59 -14.63 9.27
C ILE A 77 -4.79 -16.11 9.71
N SER A 78 -4.68 -17.05 8.77
CA SER A 78 -4.91 -18.47 9.11
C SER A 78 -4.13 -18.94 10.42
N SER A 79 -2.84 -18.59 10.51
CA SER A 79 -1.96 -18.96 11.63
C SER A 79 -1.00 -17.82 11.98
N LEU A 80 -1.41 -17.07 12.99
CA LEU A 80 -0.74 -15.88 13.39
C LEU A 80 0.65 -16.13 13.78
N GLN A 81 1.56 -15.33 13.27
CA GLN A 81 2.97 -15.41 13.63
C GLN A 81 3.36 -14.16 14.40
N PRO A 82 4.47 -14.22 15.19
CA PRO A 82 5.10 -13.09 15.88
C PRO A 82 5.51 -11.95 14.97
N GLU A 83 5.80 -12.25 13.71
CA GLU A 83 6.13 -11.19 12.75
C GLU A 83 4.90 -10.35 12.27
N ASP A 84 3.68 -10.81 12.57
CA ASP A 84 2.40 -10.23 12.12
C ASP A 84 1.89 -9.16 13.10
N ILE A 85 2.65 -8.98 14.16
CA ILE A 85 2.47 -7.82 15.05
C ILE A 85 2.50 -6.54 14.19
N ALA A 86 1.44 -5.72 14.37
CA ALA A 86 1.12 -4.66 13.41
C ALA A 86 -0.25 -4.10 13.60
N THR A 87 -0.46 -2.91 13.00
CA THR A 87 -1.80 -2.41 12.70
C THR A 87 -2.21 -2.57 11.25
N TYR A 88 -3.41 -3.14 11.07
CA TYR A 88 -3.97 -3.44 9.76
C TYR A 88 -5.11 -2.47 9.47
N TYR A 89 -5.27 -2.12 8.20
CA TYR A 89 -6.10 -1.01 7.78
C TYR A 89 -6.86 -1.40 6.50
N CYS A 90 -8.19 -1.25 6.43
CA CYS A 90 -8.83 -1.41 5.13
C CYS A 90 -8.98 -0.08 4.43
N GLN A 91 -9.26 -0.08 3.15
CA GLN A 91 -9.30 1.14 2.35
C GLN A 91 -10.20 0.89 1.16
N GLN A 92 -11.20 1.74 0.96
CA GLN A 92 -12.00 1.61 -0.23
C GLN A 92 -11.33 2.35 -1.30
N ALA A 93 -11.32 1.74 -2.46
CA ALA A 93 -10.89 2.38 -3.70
C ALA A 93 -12.08 2.52 -4.62
N ASN A 94 -13.27 2.69 -4.06
CA ASN A 94 -14.44 2.73 -4.92
C ASN A 94 -14.61 4.09 -5.61
N SER A 95 -14.40 5.15 -4.84
CA SER A 95 -14.46 6.49 -5.35
C SER A 95 -13.76 7.50 -4.40
N PHE A 96 -13.66 8.75 -4.85
CA PHE A 96 -12.95 9.78 -4.09
C PHE A 96 -13.92 10.51 -3.16
N PRO A 97 -13.48 10.87 -1.96
CA PRO A 97 -12.14 10.59 -1.43
C PRO A 97 -11.94 9.17 -1.01
N VAL A 98 -10.70 8.80 -0.96
CA VAL A 98 -10.32 7.51 -0.56
C VAL A 98 -10.42 7.52 0.90
N THR A 99 -10.91 6.46 1.52
CA THR A 99 -11.06 6.43 2.97
C THR A 99 -10.62 5.10 3.53
N PHE A 100 -10.13 5.15 4.78
CA PHE A 100 -9.57 3.98 5.44
C PHE A 100 -10.40 3.68 6.64
N GLY A 101 -10.29 2.45 7.11
CA GLY A 101 -10.77 2.09 8.42
C GLY A 101 -9.93 2.74 9.50
N GLY A 102 -10.42 2.69 10.73
CA GLY A 102 -9.69 3.15 11.92
C GLY A 102 -8.48 2.30 12.27
N GLY A 103 -8.46 1.05 11.84
CA GLY A 103 -7.29 0.20 12.01
C GLY A 103 -7.59 -0.76 13.11
N THR A 104 -7.05 -1.99 13.05
CA THR A 104 -7.03 -2.97 14.12
C THR A 104 -5.57 -3.29 14.59
N LYS A 105 -5.27 -2.95 15.84
CA LYS A 105 -4.01 -3.25 16.49
C LYS A 105 -4.01 -4.76 16.81
N VAL A 106 -3.00 -5.49 16.42
CA VAL A 106 -3.00 -6.95 16.55
C VAL A 106 -1.79 -7.24 17.37
N GLU A 107 -1.99 -7.90 18.51
CA GLU A 107 -0.93 -8.25 19.42
C GLU A 107 -0.83 -9.72 19.78
N ILE A 108 0.36 -10.11 20.23
CA ILE A 108 0.65 -11.51 20.58
C ILE A 108 0.59 -11.84 22.10
N LYS A 109 -0.31 -12.75 22.42
CA LYS A 109 -0.26 -13.48 23.68
C LYS A 109 0.94 -14.50 23.68
N ARG A 110 1.58 -14.71 24.84
CA ARG A 110 2.67 -15.66 24.95
C ARG A 110 3.04 -15.98 26.40
N THR A 111 3.87 -17.02 26.58
CA THR A 111 4.25 -17.38 27.92
C THR A 111 4.88 -16.13 28.52
N VAL A 112 4.33 -15.74 29.67
CA VAL A 112 4.93 -14.82 30.61
C VAL A 112 6.44 -14.93 30.66
N ALA A 113 7.11 -13.76 30.57
CA ALA A 113 8.55 -13.60 30.84
C ALA A 113 8.78 -12.47 31.80
N ALA A 114 9.70 -12.72 32.73
CA ALA A 114 9.99 -11.74 33.80
C ALA A 114 10.81 -10.56 33.25
N PRO A 115 10.52 -9.34 33.72
CA PRO A 115 11.39 -8.24 33.31
C PRO A 115 12.74 -8.47 33.95
N SER A 116 13.80 -8.16 33.23
CA SER A 116 15.10 -8.20 33.80
C SER A 116 15.43 -6.72 34.02
N VAL A 117 15.77 -6.36 35.26
CA VAL A 117 15.64 -4.95 35.69
C VAL A 117 16.97 -4.29 36.00
N PHE A 118 17.28 -3.16 35.37
CA PHE A 118 18.55 -2.44 35.58
C PHE A 118 18.21 -1.01 36.00
N ILE A 119 19.07 -0.40 36.77
CA ILE A 119 18.94 0.98 37.17
C ILE A 119 20.19 1.81 36.79
N PHE A 120 20.00 3.08 36.42
CA PHE A 120 21.07 3.87 35.94
C PHE A 120 21.16 5.10 36.77
N PRO A 121 22.34 5.38 37.31
CA PRO A 121 22.46 6.67 37.96
C PRO A 121 22.45 7.82 36.97
N PRO A 122 22.44 9.07 37.45
CA PRO A 122 22.60 10.21 36.57
C PRO A 122 24.05 10.48 36.29
N SER A 123 24.34 10.87 35.06
CA SER A 123 25.69 11.21 34.63
C SER A 123 26.24 12.40 35.37
N ASP A 124 27.54 12.33 35.75
CA ASP A 124 28.32 13.49 36.23
C ASP A 124 28.07 14.70 35.33
N GLU A 125 28.05 14.44 34.02
CA GLU A 125 27.81 15.43 32.97
C GLU A 125 26.49 16.17 33.10
N GLN A 126 25.43 15.49 33.55
CA GLN A 126 24.10 16.11 33.66
C GLN A 126 23.95 16.92 34.94
N LEU A 127 24.49 16.36 36.02
CA LEU A 127 24.53 17.02 37.31
C LEU A 127 25.20 18.42 37.23
N LYS A 128 26.31 18.56 36.50
CA LYS A 128 26.91 19.89 36.18
C LYS A 128 25.99 20.89 35.38
N SER A 129 24.88 20.40 34.80
CA SER A 129 23.76 21.24 34.31
C SER A 129 22.58 21.31 35.32
N GLY A 130 22.82 20.81 36.54
CA GLY A 130 21.90 20.97 37.66
C GLY A 130 20.62 20.16 37.69
N THR A 131 20.50 19.17 36.81
CA THR A 131 19.33 18.30 36.79
C THR A 131 19.80 16.88 36.95
N ALA A 132 18.97 16.08 37.61
CA ALA A 132 19.35 14.69 37.92
C ALA A 132 18.29 13.64 37.45
N SER A 133 18.52 13.06 36.27
CA SER A 133 17.64 12.06 35.66
C SER A 133 18.12 10.67 36.02
N VAL A 134 17.24 9.89 36.61
CA VAL A 134 17.54 8.55 37.08
C VAL A 134 16.70 7.52 36.34
N VAL A 135 17.33 6.49 35.76
CA VAL A 135 16.59 5.61 34.88
C VAL A 135 16.48 4.16 35.35
N CYS A 136 15.24 3.63 35.34
CA CYS A 136 14.99 2.17 35.51
C CYS A 136 14.60 1.49 34.17
N LEU A 137 15.32 0.42 33.83
CA LEU A 137 15.02 -0.31 32.61
C LEU A 137 14.41 -1.61 33.04
N LEU A 138 13.23 -1.93 32.52
CA LEU A 138 12.68 -3.24 32.70
C LEU A 138 12.76 -3.89 31.32
N ASN A 139 13.49 -5.00 31.14
CA ASN A 139 13.80 -5.51 29.76
C ASN A 139 13.12 -6.82 29.44
N ASN A 140 12.44 -6.83 28.29
CA ASN A 140 11.90 -8.03 27.68
C ASN A 140 11.00 -8.87 28.56
N PHE A 141 9.83 -8.32 28.84
CA PHE A 141 8.87 -8.97 29.70
C PHE A 141 7.53 -9.14 29.02
N TYR A 142 6.78 -10.14 29.45
CA TYR A 142 5.38 -10.29 29.04
C TYR A 142 4.67 -10.76 30.28
N SER A 143 3.40 -10.42 30.48
CA SER A 143 2.58 -9.43 29.74
C SER A 143 3.05 -7.99 29.90
N ARG A 144 2.58 -7.09 29.04
CA ARG A 144 2.92 -5.66 29.18
C ARG A 144 2.62 -5.06 30.60
N GLU A 145 1.93 -5.77 31.49
CA GLU A 145 1.56 -5.17 32.78
C GLU A 145 2.75 -5.07 33.69
N ALA A 146 3.04 -3.92 34.29
CA ALA A 146 4.22 -3.81 35.20
C ALA A 146 4.13 -2.57 36.11
N LYS A 147 4.07 -2.75 37.43
CA LYS A 147 4.15 -1.59 38.37
C LYS A 147 5.63 -1.20 38.56
N VAL A 148 5.91 0.08 38.50
CA VAL A 148 7.20 0.57 38.92
C VAL A 148 6.94 1.66 39.92
N GLN A 149 7.79 1.67 40.93
CA GLN A 149 7.54 2.34 42.19
C GLN A 149 8.92 2.79 42.63
N TRP A 150 9.13 4.10 42.74
CA TRP A 150 10.44 4.67 43.08
C TRP A 150 10.49 5.02 44.56
N LYS A 151 11.64 4.74 45.19
CA LYS A 151 11.84 5.05 46.61
C LYS A 151 13.16 5.72 46.87
N VAL A 152 13.11 6.84 47.58
CA VAL A 152 14.32 7.47 48.09
C VAL A 152 14.41 7.30 49.64
N ASP A 153 15.53 6.71 50.07
CA ASP A 153 15.78 6.40 51.48
C ASP A 153 14.52 5.70 52.07
N ASN A 154 14.04 4.74 51.28
CA ASN A 154 12.67 4.14 51.30
C ASN A 154 11.55 5.16 51.59
N ALA A 155 11.21 6.01 50.63
CA ALA A 155 9.98 6.83 50.70
C ALA A 155 9.36 6.79 49.32
N LEU A 156 8.06 6.54 49.22
CA LEU A 156 7.52 6.25 47.88
C LEU A 156 7.43 7.55 47.14
N GLN A 157 7.99 7.65 45.96
CA GLN A 157 7.92 8.89 45.20
C GLN A 157 6.64 8.90 44.43
N SER A 158 6.24 10.09 44.05
CA SER A 158 5.00 10.26 43.35
C SER A 158 5.01 11.57 42.58
N GLY A 159 4.86 11.47 41.27
CA GLY A 159 4.70 12.60 40.39
C GLY A 159 5.92 13.26 39.80
N ASN A 160 7.10 12.68 40.05
CA ASN A 160 8.36 13.24 39.54
C ASN A 160 9.09 12.19 38.73
N SER A 161 8.27 11.32 38.13
CA SER A 161 8.65 10.10 37.37
C SER A 161 7.68 9.96 36.15
N GLN A 162 8.17 9.40 35.03
CA GLN A 162 7.48 9.26 33.75
C GLN A 162 7.90 7.95 33.03
N GLU A 163 6.99 7.23 32.39
CA GLU A 163 7.45 5.99 31.75
C GLU A 163 6.96 5.80 30.36
N SER A 164 7.61 4.82 29.70
CA SER A 164 7.46 4.58 28.26
C SER A 164 7.72 3.13 27.97
N VAL A 165 6.81 2.52 27.25
CA VAL A 165 6.84 1.09 26.96
C VAL A 165 7.13 0.95 25.46
N THR A 166 7.93 -0.02 25.05
CA THR A 166 8.04 -0.17 23.62
C THR A 166 6.84 -0.90 23.07
N GLU A 167 6.72 -0.87 21.76
CA GLU A 167 5.76 -1.64 21.04
C GLU A 167 6.39 -3.00 21.03
N GLN A 168 5.60 -4.02 20.70
CA GLN A 168 5.96 -5.41 20.96
C GLN A 168 7.02 -5.93 20.06
N ASP A 169 8.03 -6.60 20.60
CA ASP A 169 9.10 -7.08 19.76
C ASP A 169 8.55 -8.12 18.82
N SER A 170 8.95 -8.04 17.56
CA SER A 170 8.33 -8.89 16.51
C SER A 170 8.97 -10.28 16.29
N LYS A 171 10.09 -10.55 16.95
CA LYS A 171 10.64 -11.88 17.07
C LYS A 171 10.16 -12.62 18.34
N ASP A 172 10.43 -12.02 19.50
CA ASP A 172 10.17 -12.69 20.76
C ASP A 172 8.86 -12.24 21.47
N SER A 173 8.05 -11.38 20.87
CA SER A 173 6.81 -10.86 21.48
C SER A 173 6.91 -10.14 22.84
N THR A 174 8.13 -9.72 23.22
CA THR A 174 8.29 -9.07 24.49
C THR A 174 8.05 -7.60 24.42
N TYR A 175 7.99 -6.96 25.59
CA TYR A 175 7.84 -5.50 25.80
C TYR A 175 8.99 -5.05 26.64
N SER A 176 9.38 -3.78 26.53
CA SER A 176 10.38 -3.23 27.45
C SER A 176 9.83 -1.89 27.97
N LEU A 177 10.27 -1.50 29.16
CA LEU A 177 9.78 -0.27 29.72
C LEU A 177 10.92 0.56 30.37
N SER A 178 10.79 1.88 30.25
CA SER A 178 11.74 2.79 30.84
C SER A 178 11.06 3.89 31.60
N SER A 179 11.13 3.74 32.91
CA SER A 179 10.78 4.77 33.90
C SER A 179 11.93 5.74 34.13
N THR A 180 11.64 7.04 34.10
CA THR A 180 12.64 8.10 34.45
C THR A 180 12.23 9.07 35.62
N LEU A 181 12.85 8.87 36.77
CA LEU A 181 12.72 9.79 37.91
C LEU A 181 13.55 11.01 37.64
N THR A 182 12.87 12.14 37.62
CA THR A 182 13.52 13.41 37.41
C THR A 182 13.48 14.28 38.71
N LEU A 183 14.65 14.87 39.01
CA LEU A 183 14.83 15.71 40.17
C LEU A 183 15.95 16.69 39.96
N SER A 184 15.90 17.72 40.81
CA SER A 184 16.95 18.75 40.92
C SER A 184 18.24 18.19 41.52
N LYS A 185 19.39 18.68 41.02
CA LYS A 185 20.73 18.38 41.64
C LYS A 185 20.66 18.52 43.17
N ALA A 186 20.15 19.69 43.57
CA ALA A 186 19.64 20.01 44.89
C ALA A 186 18.94 18.88 45.67
N ASP A 187 17.76 18.44 45.22
CA ASP A 187 16.96 17.41 45.93
C ASP A 187 17.43 15.96 45.81
N TYR A 188 18.17 15.69 44.74
CA TYR A 188 18.90 14.43 44.57
C TYR A 188 20.03 14.29 45.60
N GLU A 189 20.67 15.45 45.89
CA GLU A 189 21.82 15.52 46.83
C GLU A 189 21.37 15.41 48.30
N LYS A 190 20.12 15.76 48.56
CA LYS A 190 19.50 15.53 49.87
C LYS A 190 19.27 14.04 50.24
N HIS A 191 19.58 13.09 49.36
CA HIS A 191 19.28 11.71 49.66
C HIS A 191 20.39 10.82 49.17
N LYS A 192 20.31 9.55 49.57
CA LYS A 192 21.38 8.59 49.31
C LYS A 192 20.91 7.37 48.52
N VAL A 193 19.91 6.65 49.03
CA VAL A 193 19.50 5.33 48.49
C VAL A 193 18.46 5.51 47.41
N TYR A 194 18.85 5.26 46.14
CA TYR A 194 17.92 5.43 45.00
C TYR A 194 17.45 4.11 44.48
N ALA A 195 16.18 3.80 44.81
CA ALA A 195 15.60 2.49 44.64
C ALA A 195 14.41 2.45 43.69
N CYS A 196 14.49 1.50 42.74
CA CYS A 196 13.44 1.19 41.79
C CYS A 196 12.76 -0.16 42.09
N GLU A 197 11.45 -0.12 42.33
CA GLU A 197 10.71 -1.31 42.78
C GLU A 197 9.76 -1.82 41.73
N VAL A 198 10.22 -2.83 40.99
CA VAL A 198 9.41 -3.41 39.95
C VAL A 198 8.54 -4.49 40.50
N THR A 199 7.33 -4.59 39.95
CA THR A 199 6.31 -5.58 40.29
C THR A 199 5.72 -6.04 38.98
N HIS A 200 5.54 -7.35 38.86
CA HIS A 200 5.09 -8.02 37.63
C HIS A 200 4.49 -9.41 37.97
N GLN A 201 3.61 -9.92 37.12
CA GLN A 201 3.09 -11.29 37.31
C GLN A 201 4.10 -12.47 37.09
N GLY A 202 5.38 -12.19 36.79
CA GLY A 202 6.38 -13.21 36.39
C GLY A 202 7.59 -13.30 37.32
N LEU A 203 7.63 -12.39 38.32
CA LEU A 203 8.50 -12.47 39.51
C LEU A 203 7.63 -12.96 40.67
N SER A 204 8.21 -13.89 41.44
CA SER A 204 7.60 -14.39 42.67
C SER A 204 7.20 -13.21 43.56
N SER A 205 8.07 -12.20 43.62
CA SER A 205 7.86 -10.99 44.45
C SER A 205 8.57 -9.76 43.88
N PRO A 206 8.14 -8.56 44.34
CA PRO A 206 8.75 -7.34 43.80
C PRO A 206 10.27 -7.32 43.90
N VAL A 207 10.91 -6.69 42.92
CA VAL A 207 12.35 -6.71 42.77
C VAL A 207 12.80 -5.28 42.83
N THR A 208 13.77 -5.06 43.70
CA THR A 208 14.27 -3.75 43.96
C THR A 208 15.69 -3.65 43.40
N LYS A 209 15.91 -2.62 42.57
CA LYS A 209 17.26 -2.28 42.19
C LYS A 209 17.60 -0.92 42.74
N SER A 210 18.85 -0.77 43.19
CA SER A 210 19.34 0.46 43.80
C SER A 210 20.84 0.62 43.80
N PHE A 211 21.21 1.85 44.15
CA PHE A 211 22.55 2.32 44.40
C PHE A 211 22.53 3.45 45.44
N ASN A 212 23.69 3.70 46.01
CA ASN A 212 23.94 4.88 46.88
C ASN A 212 24.66 5.88 45.95
N ARG A 213 24.49 7.21 46.12
CA ARG A 213 25.37 8.19 45.36
C ARG A 213 26.84 8.03 45.74
N GLY A 214 27.78 8.18 44.79
CA GLY A 214 29.17 7.67 44.94
C GLY A 214 29.26 6.19 44.54
N GLU A 215 29.31 5.91 43.22
CA GLU A 215 29.35 4.52 42.69
C GLU A 215 30.81 4.18 42.66
N GLU B 1 15.04 -1.11 -5.65
CA GLU B 1 14.76 -0.91 -7.10
C GLU B 1 13.77 0.25 -7.13
N VAL B 2 12.56 -0.01 -6.65
CA VAL B 2 11.48 0.92 -6.73
C VAL B 2 11.52 1.61 -5.38
N GLN B 3 11.35 2.93 -5.42
CA GLN B 3 11.70 3.84 -4.37
C GLN B 3 10.99 5.22 -4.56
N LEU B 4 10.61 5.78 -3.43
CA LEU B 4 10.03 7.07 -3.31
C LEU B 4 10.69 7.63 -2.06
N LEU B 5 11.39 8.73 -2.20
CA LEU B 5 11.92 9.49 -1.07
C LEU B 5 11.25 10.82 -0.95
N GLU B 6 10.74 11.12 0.22
CA GLU B 6 10.12 12.41 0.43
C GLU B 6 11.03 13.36 1.22
N SER B 7 10.80 14.64 1.04
CA SER B 7 11.53 15.69 1.76
C SER B 7 10.76 17.07 1.72
N GLY B 8 11.29 18.05 2.44
CA GLY B 8 10.62 19.26 2.76
C GLY B 8 9.89 19.24 4.10
N GLY B 9 9.90 18.14 4.83
CA GLY B 9 9.19 18.18 6.11
C GLY B 9 9.86 19.10 7.11
N GLY B 10 9.26 19.29 8.27
CA GLY B 10 9.92 20.01 9.32
C GLY B 10 8.87 20.78 10.03
N LEU B 11 9.29 21.94 10.53
CA LEU B 11 8.51 22.72 11.49
C LEU B 11 8.05 24.01 10.79
N VAL B 12 6.79 24.39 11.03
CA VAL B 12 6.27 25.55 10.40
C VAL B 12 5.19 26.09 11.26
N GLN B 13 5.18 27.41 11.33
CA GLN B 13 4.25 28.11 12.17
C GLN B 13 2.83 27.91 11.66
N PRO B 14 1.84 28.00 12.55
CA PRO B 14 0.52 27.94 11.99
C PRO B 14 0.26 29.12 11.08
N GLY B 15 -0.52 28.86 10.05
CA GLY B 15 -0.67 29.76 8.91
C GLY B 15 0.41 29.59 7.86
N GLY B 16 1.51 28.92 8.15
CA GLY B 16 2.58 28.77 7.19
C GLY B 16 2.36 27.98 5.90
N SER B 17 3.41 27.96 5.08
CA SER B 17 3.49 27.18 3.86
C SER B 17 4.60 26.20 3.91
N LEU B 18 4.49 25.14 3.13
CA LEU B 18 5.60 24.19 2.95
C LEU B 18 5.35 23.34 1.67
N ARG B 19 6.37 23.14 0.83
CA ARG B 19 6.30 22.35 -0.35
C ARG B 19 6.97 21.07 0.07
N LEU B 20 6.23 19.97 -0.02
CA LEU B 20 6.81 18.64 0.11
C LEU B 20 7.19 18.19 -1.27
N SER B 21 8.15 17.27 -1.30
CA SER B 21 8.72 16.64 -2.51
C SER B 21 8.85 15.14 -2.37
N CYS B 22 8.79 14.47 -3.48
CA CYS B 22 9.05 13.03 -3.51
C CYS B 22 9.80 12.70 -4.76
N ALA B 23 10.97 12.13 -4.60
CA ALA B 23 11.86 11.68 -5.71
C ALA B 23 11.59 10.20 -6.01
N ALA B 24 10.88 9.91 -7.10
CA ALA B 24 10.63 8.52 -7.46
C ALA B 24 11.81 7.97 -8.27
N SER B 25 12.15 6.71 -8.04
CA SER B 25 13.21 5.98 -8.81
C SER B 25 12.89 4.54 -9.04
N GLY B 26 13.49 3.99 -10.08
CA GLY B 26 13.34 2.58 -10.45
C GLY B 26 12.02 2.20 -11.11
N PHE B 27 11.22 3.19 -11.50
CA PHE B 27 10.06 2.93 -12.35
C PHE B 27 9.77 4.10 -13.32
N THR B 28 8.96 3.82 -14.33
CA THR B 28 8.57 4.83 -15.26
C THR B 28 7.42 5.65 -14.66
N PHE B 29 7.81 6.52 -13.70
CA PHE B 29 6.98 7.61 -13.01
C PHE B 29 5.81 8.19 -13.76
N SER B 30 6.05 8.50 -15.02
CA SER B 30 5.09 9.11 -15.95
C SER B 30 3.76 8.46 -16.07
N GLN B 31 3.78 7.14 -15.89
CA GLN B 31 2.66 6.31 -16.21
C GLN B 31 1.74 5.97 -15.02
N TYR B 32 2.15 6.35 -13.81
CA TYR B 32 1.44 6.06 -12.59
C TYR B 32 0.82 7.24 -11.90
N GLY B 33 -0.42 7.13 -11.52
CA GLY B 33 -1.05 8.01 -10.57
C GLY B 33 -0.42 7.85 -9.22
N MET B 34 -0.54 8.90 -8.40
CA MET B 34 0.23 9.08 -7.19
C MET B 34 -0.68 9.78 -6.17
N ASP B 35 -0.54 9.44 -4.91
CA ASP B 35 -1.30 10.05 -3.86
C ASP B 35 -0.37 10.41 -2.68
N TRP B 36 -0.75 11.42 -1.91
CA TRP B 36 -0.15 11.62 -0.62
C TRP B 36 -1.10 11.08 0.41
N VAL B 37 -0.66 10.12 1.22
CA VAL B 37 -1.36 9.72 2.40
C VAL B 37 -0.58 10.21 3.61
N ARG B 38 -1.27 10.73 4.61
CA ARG B 38 -0.58 11.17 5.82
C ARG B 38 -1.08 10.40 6.98
N GLN B 39 -0.39 10.58 8.11
CA GLN B 39 -0.74 9.93 9.39
C GLN B 39 -0.31 10.81 10.50
N ALA B 40 -1.31 11.43 11.12
CA ALA B 40 -1.17 12.27 12.33
C ALA B 40 -0.57 11.45 13.49
N PRO B 41 0.09 12.11 14.44
CA PRO B 41 0.65 11.35 15.55
C PRO B 41 -0.37 10.53 16.37
N GLY B 42 0.11 9.37 16.74
CA GLY B 42 -0.67 8.16 17.02
C GLY B 42 -2.13 8.07 16.59
N LYS B 43 -2.57 8.15 15.34
CA LYS B 43 -2.09 7.43 14.10
C LYS B 43 -3.47 7.45 13.43
N GLY B 44 -3.79 6.50 12.55
CA GLY B 44 -4.92 6.61 11.62
C GLY B 44 -4.24 6.86 10.28
N LEU B 45 -4.66 6.26 9.18
CA LEU B 45 -4.07 6.53 7.88
C LEU B 45 -5.05 7.46 7.23
N GLU B 46 -4.61 8.56 6.66
CA GLU B 46 -5.52 9.51 6.00
C GLU B 46 -5.03 9.90 4.65
N TRP B 47 -5.89 9.78 3.66
CA TRP B 47 -5.55 10.10 2.28
C TRP B 47 -5.73 11.59 2.17
N VAL B 48 -4.82 12.25 1.49
CA VAL B 48 -4.78 13.71 1.38
C VAL B 48 -5.11 14.20 -0.02
N SER B 49 -4.35 13.77 -1.02
CA SER B 49 -4.73 14.01 -2.43
C SER B 49 -4.05 13.07 -3.36
N GLY B 50 -4.50 13.10 -4.60
CA GLY B 50 -3.93 12.37 -5.71
C GLY B 50 -4.00 13.04 -7.06
N ILE B 51 -3.19 12.59 -7.95
CA ILE B 51 -3.00 13.20 -9.22
C ILE B 51 -2.75 12.07 -10.24
N GLY B 52 -3.29 12.16 -11.45
CA GLY B 52 -3.13 11.14 -12.44
C GLY B 52 -1.77 11.14 -13.05
N PRO B 53 -1.47 10.12 -13.84
CA PRO B 53 -0.14 10.03 -14.52
C PRO B 53 0.35 11.34 -15.09
N SER B 54 -0.53 12.08 -15.74
CA SER B 54 -0.15 13.14 -16.60
C SER B 54 -0.28 14.49 -15.93
N GLY B 55 -0.75 14.58 -14.68
CA GLY B 55 -0.79 15.85 -13.99
C GLY B 55 -2.14 16.54 -14.05
N GLY B 56 -2.89 16.31 -15.11
CA GLY B 56 -4.31 16.71 -15.09
C GLY B 56 -4.96 15.71 -14.13
N SER B 57 -6.24 15.90 -13.85
CA SER B 57 -6.94 15.13 -12.87
C SER B 57 -6.16 15.09 -11.57
N THR B 58 -6.54 16.01 -10.66
CA THR B 58 -6.09 16.21 -9.28
C THR B 58 -7.33 16.23 -8.35
N VAL B 59 -7.13 15.76 -7.11
CA VAL B 59 -8.28 15.46 -6.29
C VAL B 59 -7.86 15.48 -4.81
N TYR B 60 -8.75 15.93 -3.92
CA TYR B 60 -8.38 16.37 -2.59
C TYR B 60 -9.34 15.99 -1.51
N ALA B 61 -8.83 15.68 -0.34
CA ALA B 61 -9.63 15.55 0.85
C ALA B 61 -10.23 16.96 1.25
N ASP B 62 -11.46 16.97 1.75
CA ASP B 62 -12.18 18.21 2.07
C ASP B 62 -11.41 19.08 2.99
N SER B 63 -10.73 18.46 3.93
CA SER B 63 -10.00 19.21 4.96
C SER B 63 -8.74 20.02 4.49
N VAL B 64 -8.24 19.70 3.33
CA VAL B 64 -7.10 20.38 2.75
C VAL B 64 -7.48 21.07 1.44
N LYS B 65 -8.64 20.82 0.88
CA LYS B 65 -8.96 21.42 -0.38
C LYS B 65 -9.12 22.91 -0.25
N GLY B 66 -8.59 23.56 -1.28
CA GLY B 66 -8.37 24.99 -1.30
C GLY B 66 -7.17 25.43 -0.51
N ARG B 67 -6.55 24.57 0.32
CA ARG B 67 -5.30 24.85 1.01
C ARG B 67 -4.08 24.15 0.37
N PHE B 68 -4.24 22.91 -0.13
CA PHE B 68 -3.13 22.12 -0.63
C PHE B 68 -3.20 22.04 -2.12
N THR B 69 -2.08 21.90 -2.79
CA THR B 69 -2.02 21.69 -4.24
C THR B 69 -1.05 20.57 -4.55
N ILE B 70 -1.53 19.51 -5.17
CA ILE B 70 -0.70 18.42 -5.63
C ILE B 70 -0.26 18.78 -7.01
N SER B 71 0.96 18.41 -7.35
CA SER B 71 1.44 18.50 -8.75
C SER B 71 2.65 17.60 -8.93
N ARG B 72 3.00 17.40 -10.16
CA ARG B 72 4.13 16.56 -10.50
C ARG B 72 4.92 17.19 -11.60
N ASP B 73 6.22 16.89 -11.64
CA ASP B 73 6.83 16.88 -12.96
C ASP B 73 7.67 15.71 -13.28
N ASN B 74 7.30 15.21 -14.45
CA ASN B 74 7.60 13.91 -14.88
C ASN B 74 8.98 14.01 -15.53
N SER B 75 9.38 15.18 -15.96
CA SER B 75 10.72 15.30 -16.48
C SER B 75 11.79 15.43 -15.40
N LYS B 76 11.43 15.62 -14.14
CA LYS B 76 12.34 15.39 -13.02
C LYS B 76 11.95 14.20 -12.13
N ASN B 77 10.89 13.48 -12.39
CA ASN B 77 10.55 12.34 -11.53
C ASN B 77 10.13 12.72 -10.10
N THR B 78 9.29 13.74 -9.96
CA THR B 78 9.06 14.35 -8.68
C THR B 78 7.64 14.65 -8.57
N LEU B 79 7.10 14.24 -7.43
CA LEU B 79 5.80 14.65 -6.98
C LEU B 79 5.93 15.72 -5.88
N TYR B 80 5.03 16.69 -5.89
CA TYR B 80 4.96 17.76 -4.93
C TYR B 80 3.65 17.82 -4.14
N LEU B 81 3.69 18.44 -2.95
CA LEU B 81 2.51 18.81 -2.15
C LEU B 81 2.77 20.18 -1.56
N GLN B 82 2.22 21.17 -2.23
CA GLN B 82 2.26 22.57 -1.78
C GLN B 82 1.18 22.73 -0.72
N MET B 83 1.60 23.03 0.51
CA MET B 83 0.70 23.01 1.65
C MET B 83 0.69 24.43 2.20
N ASN B 84 -0.46 25.13 2.13
CA ASN B 84 -0.61 26.48 2.68
C ASN B 84 -1.66 26.55 3.77
N SER B 85 -1.72 27.67 4.47
CA SER B 85 -2.67 27.86 5.58
C SER B 85 -2.68 26.70 6.55
N LEU B 86 -1.49 26.23 6.90
CA LEU B 86 -1.34 25.09 7.79
C LEU B 86 -1.88 25.36 9.19
N ARG B 87 -2.06 24.30 9.97
CA ARG B 87 -3.04 24.27 11.04
C ARG B 87 -2.61 23.00 11.78
N ALA B 88 -2.79 22.90 13.07
CA ALA B 88 -2.18 21.79 13.88
C ALA B 88 -2.66 20.36 13.46
N GLU B 89 -3.87 20.33 12.91
CA GLU B 89 -4.46 19.13 12.37
C GLU B 89 -3.75 18.62 11.13
N ASP B 90 -2.71 19.32 10.66
CA ASP B 90 -1.94 18.92 9.51
C ASP B 90 -0.65 18.31 9.96
N THR B 91 -0.33 18.38 11.23
CA THR B 91 0.83 17.74 11.79
C THR B 91 0.68 16.26 11.62
N ALA B 92 1.68 15.63 11.04
CA ALA B 92 1.57 14.26 10.60
C ALA B 92 2.83 13.81 9.89
N VAL B 93 3.05 12.49 9.82
CA VAL B 93 3.97 11.93 8.84
C VAL B 93 3.28 11.88 7.48
N TYR B 94 3.91 12.55 6.50
CA TYR B 94 3.48 12.56 5.10
C TYR B 94 4.25 11.50 4.21
N TYR B 95 3.45 10.57 3.69
CA TYR B 95 3.88 9.50 2.77
C TYR B 95 3.56 9.79 1.34
N CYS B 96 4.50 9.46 0.49
CA CYS B 96 4.37 9.61 -0.97
C CYS B 96 4.03 8.21 -1.36
N THR B 97 2.97 8.02 -2.14
CA THR B 97 2.60 6.71 -2.61
C THR B 97 2.34 6.67 -4.09
N ARG B 98 2.51 5.50 -4.67
CA ARG B 98 2.12 5.20 -6.03
C ARG B 98 0.78 4.48 -5.96
N GLY B 99 -0.12 4.87 -6.85
CA GLY B 99 -1.46 4.35 -6.87
C GLY B 99 -1.59 3.09 -7.67
N GLY B 100 -0.67 2.13 -7.57
CA GLY B 100 -0.93 0.77 -8.02
C GLY B 100 -0.57 0.49 -9.45
N PRO B 101 -0.47 -0.83 -9.81
CA PRO B 101 -0.29 -1.31 -11.19
C PRO B 101 -1.58 -1.20 -11.99
N TYR B 102 -1.54 -1.59 -13.26
CA TYR B 102 -2.56 -1.21 -14.26
C TYR B 102 -3.98 -1.71 -13.98
N TYR B 103 -4.06 -2.80 -13.20
CA TYR B 103 -5.28 -3.55 -12.80
C TYR B 103 -5.84 -3.26 -11.40
N TYR B 104 -5.18 -2.48 -10.56
CA TYR B 104 -5.89 -1.99 -9.40
C TYR B 104 -5.40 -0.65 -8.97
N TYR B 105 -6.25 0.13 -8.30
CA TYR B 105 -5.77 1.33 -7.63
C TYR B 105 -5.70 1.03 -6.19
N GLY B 106 -4.50 1.08 -5.69
CA GLY B 106 -4.23 1.16 -4.27
C GLY B 106 -2.82 1.62 -4.12
N MET B 107 -2.30 1.69 -2.90
CA MET B 107 -1.02 2.30 -2.73
C MET B 107 -0.01 1.19 -2.67
N ASP B 108 0.62 0.92 -3.81
CA ASP B 108 1.52 -0.24 -3.84
C ASP B 108 3.01 0.08 -3.53
N VAL B 109 3.37 1.35 -3.47
CA VAL B 109 4.71 1.70 -3.04
C VAL B 109 4.62 2.90 -2.13
N TRP B 110 5.36 2.92 -1.03
CA TRP B 110 5.34 4.03 -0.07
C TRP B 110 6.80 4.42 0.19
N GLY B 111 7.01 5.70 0.43
CA GLY B 111 8.24 6.10 0.91
C GLY B 111 8.28 5.94 2.38
N GLN B 112 9.43 6.27 2.91
CA GLN B 112 9.70 6.28 4.33
C GLN B 112 8.84 7.28 5.09
N GLY B 113 8.40 8.36 4.47
CA GLY B 113 7.56 9.37 5.16
C GLY B 113 8.38 10.58 5.50
N THR B 114 7.74 11.72 5.65
CA THR B 114 8.41 12.89 6.23
C THR B 114 7.45 13.68 7.15
N THR B 115 8.03 14.16 8.27
CA THR B 115 7.27 14.66 9.38
C THR B 115 7.10 16.14 9.21
N VAL B 116 5.86 16.57 9.41
CA VAL B 116 5.50 17.99 9.41
C VAL B 116 4.88 18.31 10.73
N THR B 117 5.44 19.29 11.40
CA THR B 117 4.95 19.64 12.69
C THR B 117 4.51 21.13 12.64
N VAL B 118 3.20 21.41 12.70
CA VAL B 118 2.71 22.77 12.69
C VAL B 118 2.57 23.17 14.14
N SER B 119 3.41 24.09 14.56
CA SER B 119 3.42 24.57 15.93
C SER B 119 4.29 25.84 15.95
N SER B 120 3.86 26.82 16.76
CA SER B 120 4.54 28.12 16.94
C SER B 120 5.55 28.13 18.09
N ALA B 121 5.91 26.92 18.57
CA ALA B 121 6.85 26.76 19.66
C ALA B 121 8.14 26.60 18.96
N SER B 122 9.23 26.76 19.69
CA SER B 122 10.55 26.80 19.05
C SER B 122 11.34 25.46 19.14
N THR B 123 12.07 25.20 18.04
CA THR B 123 13.07 24.19 17.97
C THR B 123 14.09 24.27 19.13
N LYS B 124 14.42 23.12 19.72
CA LYS B 124 15.48 22.92 20.70
C LYS B 124 16.14 21.64 20.37
N GLY B 125 17.46 21.65 20.38
CA GLY B 125 18.20 20.41 20.43
C GLY B 125 18.17 19.66 21.78
N PRO B 126 18.17 18.32 21.70
CA PRO B 126 18.35 17.50 22.88
C PRO B 126 19.75 17.60 23.45
N SER B 127 19.88 17.35 24.74
CA SER B 127 21.15 17.05 25.33
C SER B 127 21.24 15.54 25.30
N VAL B 128 22.44 14.99 25.24
CA VAL B 128 22.59 13.52 25.19
C VAL B 128 23.49 13.07 26.30
N PHE B 129 22.93 12.30 27.21
CA PHE B 129 23.65 11.85 28.38
C PHE B 129 23.86 10.34 28.33
N PRO B 130 24.96 9.87 28.91
CA PRO B 130 25.15 8.45 28.90
C PRO B 130 24.34 7.77 29.96
N LEU B 131 23.89 6.59 29.60
CA LEU B 131 23.44 5.58 30.57
C LEU B 131 24.49 4.49 30.57
N ALA B 132 25.36 4.54 31.58
CA ALA B 132 26.47 3.65 31.69
C ALA B 132 26.14 2.39 32.55
N PRO B 133 26.61 1.20 32.14
CA PRO B 133 26.61 -0.12 32.89
C PRO B 133 26.68 -0.18 34.44
N GLY B 141 26.03 -12.33 32.71
CA GLY B 141 26.10 -12.73 31.28
C GLY B 141 26.14 -11.53 30.31
N THR B 142 25.22 -10.58 30.50
CA THR B 142 24.96 -9.53 29.51
C THR B 142 24.73 -8.15 30.25
N ALA B 143 25.03 -7.05 29.53
CA ALA B 143 25.07 -5.67 30.10
C ALA B 143 24.20 -4.67 29.37
N ALA B 144 23.47 -3.86 30.10
CA ALA B 144 22.64 -2.81 29.48
C ALA B 144 23.32 -1.48 29.61
N LEU B 145 23.36 -0.78 28.50
CA LEU B 145 23.85 0.60 28.40
C LEU B 145 22.90 1.40 27.45
N GLY B 146 22.93 2.72 27.52
CA GLY B 146 22.05 3.51 26.69
C GLY B 146 22.50 4.91 26.63
N CYS B 147 21.64 5.73 26.02
CA CYS B 147 21.74 7.20 26.01
C CYS B 147 20.45 7.76 26.44
N LEU B 148 20.49 8.93 27.05
CA LEU B 148 19.27 9.67 27.42
C LEU B 148 19.19 10.95 26.60
N VAL B 149 18.18 11.02 25.75
CA VAL B 149 18.03 12.10 24.84
C VAL B 149 16.95 12.98 25.35
N LYS B 150 17.38 14.11 25.94
CA LYS B 150 16.56 14.93 26.83
C LYS B 150 16.36 16.38 26.32
N ASP B 151 15.12 16.88 26.45
CA ASP B 151 14.79 18.30 26.32
C ASP B 151 14.86 18.79 24.84
N TYR B 152 14.01 18.20 23.97
CA TYR B 152 13.92 18.60 22.55
C TYR B 152 12.50 18.86 22.06
N PHE B 153 12.44 19.71 21.03
CA PHE B 153 11.20 20.01 20.29
C PHE B 153 11.46 20.38 18.84
N PRO B 154 10.61 19.98 17.89
CA PRO B 154 9.54 18.99 18.06
C PRO B 154 10.16 17.58 18.04
N GLU B 155 9.30 16.56 18.06
CA GLU B 155 9.60 15.26 17.54
C GLU B 155 9.88 15.36 16.00
N PRO B 156 10.67 14.47 15.37
CA PRO B 156 11.34 13.35 16.02
C PRO B 156 12.84 13.44 16.11
N VAL B 157 13.27 12.64 17.06
CA VAL B 157 14.66 12.29 17.21
C VAL B 157 14.86 10.89 16.60
N THR B 158 15.94 10.74 15.83
CA THR B 158 16.39 9.46 15.31
C THR B 158 17.52 8.99 16.23
N VAL B 159 17.76 7.70 16.34
CA VAL B 159 18.83 7.20 17.21
C VAL B 159 19.33 5.87 16.64
N SER B 160 20.63 5.80 16.43
CA SER B 160 21.26 4.53 16.10
C SER B 160 22.46 4.27 16.99
N TRP B 161 23.04 3.11 16.83
CA TRP B 161 24.17 2.75 17.61
C TRP B 161 25.26 2.23 16.66
N ASN B 162 26.49 2.71 16.91
CA ASN B 162 27.68 2.36 16.11
C ASN B 162 27.44 2.51 14.64
N SER B 163 26.82 3.65 14.34
CA SER B 163 26.56 4.12 12.98
C SER B 163 25.70 3.16 12.19
N GLY B 164 24.94 2.33 12.88
CA GLY B 164 24.02 1.45 12.20
C GLY B 164 24.40 0.04 12.44
N ALA B 165 25.70 -0.22 12.57
CA ALA B 165 26.18 -1.58 12.73
C ALA B 165 25.73 -2.35 14.01
N LEU B 166 24.87 -1.79 14.87
CA LEU B 166 24.39 -2.48 16.11
C LEU B 166 22.87 -2.42 16.22
N THR B 167 22.27 -3.57 16.15
CA THR B 167 20.86 -3.61 15.91
C THR B 167 20.12 -4.49 16.88
N SER B 168 20.58 -5.73 17.02
CA SER B 168 19.92 -6.62 17.97
C SER B 168 20.20 -6.07 19.37
N GLY B 169 19.21 -6.25 20.25
CA GLY B 169 19.29 -5.80 21.61
C GLY B 169 18.83 -4.38 21.89
N VAL B 170 18.49 -3.61 20.84
CA VAL B 170 18.27 -2.17 20.96
C VAL B 170 16.83 -1.82 21.18
N HIS B 171 16.48 -1.09 22.25
CA HIS B 171 15.17 -0.48 22.29
C HIS B 171 15.20 1.07 22.38
N THR B 172 14.77 1.77 21.34
CA THR B 172 14.63 3.17 21.45
C THR B 172 13.21 3.42 21.92
N PHE B 173 13.07 3.92 23.14
CA PHE B 173 11.75 4.16 23.69
C PHE B 173 11.03 5.30 22.96
N PRO B 174 9.72 5.14 22.73
CA PRO B 174 8.90 6.21 22.32
C PRO B 174 9.05 7.37 23.26
N ALA B 175 8.81 8.55 22.72
CA ALA B 175 9.07 9.76 23.46
C ALA B 175 8.01 10.08 24.48
N VAL B 176 8.51 10.74 25.50
CA VAL B 176 7.78 11.23 26.63
C VAL B 176 7.79 12.75 26.51
N LEU B 177 6.68 13.35 26.92
CA LEU B 177 6.54 14.81 26.92
C LEU B 177 6.42 15.32 28.38
N GLN B 178 7.35 16.19 28.70
CA GLN B 178 7.52 16.59 30.06
C GLN B 178 6.57 17.78 30.38
N SER B 179 6.41 18.00 31.67
CA SER B 179 5.89 19.22 32.24
C SER B 179 6.39 20.46 31.47
N SER B 180 7.67 20.48 31.10
CA SER B 180 8.26 21.63 30.41
C SER B 180 7.70 21.92 29.00
N GLY B 181 6.95 21.01 28.39
CA GLY B 181 6.60 21.10 26.93
C GLY B 181 7.77 20.69 26.01
N LEU B 182 8.65 19.82 26.49
CA LEU B 182 9.79 19.36 25.70
C LEU B 182 9.86 17.86 25.82
N TYR B 183 10.34 17.21 24.76
CA TYR B 183 10.40 15.75 24.76
C TYR B 183 11.71 15.19 25.31
N SER B 184 11.61 14.03 25.94
CA SER B 184 12.76 13.17 26.24
C SER B 184 12.53 11.82 25.62
N LEU B 185 13.61 11.11 25.33
CA LEU B 185 13.60 9.66 25.20
C LEU B 185 14.91 9.02 25.60
N SER B 186 14.83 7.69 25.75
CA SER B 186 15.97 6.83 25.96
C SER B 186 16.07 5.81 24.84
N SER B 187 17.30 5.60 24.41
CA SER B 187 17.66 4.46 23.60
C SER B 187 18.65 3.69 24.41
N VAL B 188 18.49 2.38 24.46
CA VAL B 188 19.38 1.48 25.19
C VAL B 188 19.59 0.21 24.41
N VAL B 189 20.67 -0.48 24.71
CA VAL B 189 20.97 -1.74 24.08
C VAL B 189 21.61 -2.69 25.05
N THR B 190 21.29 -3.92 24.91
CA THR B 190 21.92 -4.92 25.72
C THR B 190 22.96 -5.64 24.82
N VAL B 191 24.20 -5.66 25.30
CA VAL B 191 25.34 -6.33 24.65
C VAL B 191 26.11 -7.38 25.50
N PRO B 192 27.02 -8.14 24.85
CA PRO B 192 27.87 -9.03 25.65
C PRO B 192 28.72 -8.25 26.68
N SER B 193 28.73 -8.68 27.95
CA SER B 193 29.67 -8.10 28.95
C SER B 193 31.19 -8.21 28.53
N SER B 194 31.56 -9.25 27.77
CA SER B 194 32.98 -9.38 27.36
C SER B 194 33.39 -8.19 26.43
N SER B 195 32.43 -7.73 25.64
CA SER B 195 32.66 -6.69 24.66
C SER B 195 32.94 -5.31 25.27
N LEU B 196 32.64 -5.14 26.57
CA LEU B 196 32.76 -3.81 27.20
C LEU B 196 34.18 -3.36 27.31
N GLY B 197 35.11 -4.31 27.50
CA GLY B 197 36.54 -4.01 27.59
C GLY B 197 37.05 -3.65 26.21
N THR B 198 36.67 -4.46 25.22
CA THR B 198 37.12 -4.30 23.81
C THR B 198 36.38 -3.20 22.96
N GLN B 199 35.05 -3.18 23.00
CA GLN B 199 34.22 -2.44 22.04
C GLN B 199 33.80 -1.03 22.47
N THR B 200 33.78 -0.12 21.51
CA THR B 200 33.34 1.20 21.74
C THR B 200 31.92 1.29 21.32
N TYR B 201 31.06 1.77 22.24
CA TYR B 201 29.60 1.97 22.06
C TYR B 201 29.23 3.46 22.00
N ILE B 202 28.93 3.91 20.78
CA ILE B 202 28.43 5.24 20.43
C ILE B 202 26.94 5.20 20.04
N CYS B 203 26.19 6.21 20.44
CA CYS B 203 24.82 6.35 20.06
C CYS B 203 24.68 7.60 19.17
N ASN B 204 24.03 7.46 18.01
CA ASN B 204 24.12 8.48 16.99
C ASN B 204 22.74 9.08 17.02
N VAL B 205 22.68 10.32 17.52
CA VAL B 205 21.44 11.04 17.75
C VAL B 205 21.32 12.16 16.73
N ASN B 206 20.16 12.29 16.11
CA ASN B 206 19.99 13.28 15.02
C ASN B 206 18.59 13.83 15.09
N HIS B 207 18.49 15.11 15.47
CA HIS B 207 17.25 15.86 15.63
C HIS B 207 17.17 16.89 14.53
N LYS B 208 16.64 16.43 13.39
CA LYS B 208 16.61 17.15 12.15
C LYS B 208 16.19 18.63 12.25
N PRO B 209 15.09 18.96 12.96
CA PRO B 209 14.67 20.37 13.11
C PRO B 209 15.64 21.38 13.73
N SER B 210 16.76 20.93 14.30
CA SER B 210 17.84 21.80 14.86
C SER B 210 19.24 21.45 14.35
N ASN B 211 19.33 20.92 13.13
CA ASN B 211 20.63 20.56 12.52
C ASN B 211 21.61 19.86 13.45
N THR B 212 21.06 19.10 14.39
CA THR B 212 21.82 18.59 15.55
C THR B 212 22.17 17.13 15.31
N LYS B 213 23.41 16.89 14.89
CA LYS B 213 23.91 15.53 14.73
C LYS B 213 24.93 15.35 15.85
N VAL B 214 24.57 14.61 16.88
CA VAL B 214 25.46 14.40 17.98
C VAL B 214 25.69 12.88 18.21
N ASP B 215 26.92 12.54 18.63
CA ASP B 215 27.38 11.14 18.72
C ASP B 215 27.98 10.95 20.07
N LYS B 216 27.49 10.01 20.87
CA LYS B 216 27.98 9.91 22.26
C LYS B 216 28.68 8.57 22.71
N LYS B 217 29.94 8.65 23.11
CA LYS B 217 30.60 7.44 23.64
C LYS B 217 29.89 7.19 24.97
N VAL B 218 29.47 5.95 25.20
CA VAL B 218 28.98 5.51 26.49
C VAL B 218 29.99 4.51 27.01
N GLU B 219 30.64 4.85 28.12
CA GLU B 219 31.65 4.07 28.76
C GLU B 219 31.17 3.62 30.14
N PRO B 220 31.52 2.39 30.57
CA PRO B 220 31.17 2.03 31.94
C PRO B 220 31.99 2.87 32.88
N LYS B 221 31.43 3.15 34.04
CA LYS B 221 32.19 3.88 35.05
C LYS B 221 32.47 3.01 36.32
N ILE C 1 -15.56 -5.35 -19.29
CA ILE C 1 -16.94 -5.85 -19.58
C ILE C 1 -17.82 -5.26 -18.52
N VAL C 2 -18.87 -4.53 -18.90
CA VAL C 2 -19.81 -3.88 -17.95
C VAL C 2 -20.95 -4.84 -17.45
N GLY C 3 -21.19 -4.86 -16.14
CA GLY C 3 -22.29 -5.61 -15.54
C GLY C 3 -22.23 -7.11 -15.79
N GLY C 4 -21.01 -7.60 -15.93
CA GLY C 4 -20.75 -9.00 -16.22
C GLY C 4 -20.24 -9.61 -14.94
N THR C 5 -19.50 -10.69 -15.08
CA THR C 5 -19.29 -11.57 -13.96
C THR C 5 -17.96 -12.29 -14.19
N ALA C 6 -17.21 -12.49 -13.10
CA ALA C 6 -15.91 -13.15 -13.12
C ALA C 6 -15.94 -14.46 -13.89
N SER C 7 -14.94 -14.74 -14.73
CA SER C 7 -14.89 -15.98 -15.52
C SER C 7 -14.05 -17.00 -14.73
N VAL C 8 -13.60 -18.09 -15.35
CA VAL C 8 -12.74 -19.05 -14.63
C VAL C 8 -11.74 -19.71 -15.54
N ARG C 9 -10.61 -20.06 -14.93
CA ARG C 9 -9.47 -20.69 -15.61
C ARG C 9 -9.89 -21.85 -16.54
N GLY C 10 -9.44 -21.81 -17.79
CA GLY C 10 -9.72 -22.85 -18.76
C GLY C 10 -10.87 -22.52 -19.66
N GLU C 11 -11.73 -21.57 -19.22
CA GLU C 11 -13.10 -21.39 -19.79
C GLU C 11 -13.18 -20.82 -21.20
N TRP C 12 -12.55 -19.67 -21.39
CA TRP C 12 -12.60 -18.97 -22.64
C TRP C 12 -11.23 -19.05 -23.28
N PRO C 13 -10.77 -20.27 -23.57
CA PRO C 13 -9.38 -20.38 -24.01
C PRO C 13 -8.99 -19.61 -25.32
N TRP C 14 -9.97 -19.11 -26.07
CA TRP C 14 -9.68 -18.25 -27.23
C TRP C 14 -9.49 -16.79 -26.88
N GLN C 15 -10.07 -16.32 -25.76
CA GLN C 15 -9.67 -15.02 -25.21
C GLN C 15 -8.16 -14.94 -24.99
N VAL C 16 -7.62 -13.80 -25.40
CA VAL C 16 -6.29 -13.39 -25.06
C VAL C 16 -6.28 -11.90 -24.65
N THR C 17 -5.27 -11.55 -23.86
CA THR C 17 -5.01 -10.19 -23.53
C THR C 17 -3.83 -9.81 -24.41
N LEU C 18 -4.05 -8.75 -25.17
CA LEU C 18 -3.03 -8.16 -25.96
C LEU C 18 -2.46 -6.92 -25.21
N HIS C 19 -1.16 -6.99 -24.89
CA HIS C 19 -0.46 -5.97 -24.14
C HIS C 19 0.36 -5.09 -25.02
N THR C 20 0.43 -3.81 -24.72
CA THR C 20 1.61 -2.96 -25.09
C THR C 20 2.66 -3.03 -23.99
N THR C 21 3.93 -2.87 -24.33
CA THR C 21 5.02 -2.76 -23.33
C THR C 21 5.51 -1.34 -23.15
N SER C 22 5.24 -0.46 -24.13
CA SER C 22 5.75 0.90 -24.22
C SER C 22 4.66 1.88 -24.03
N PRO C 23 4.81 2.86 -23.14
CA PRO C 23 5.99 3.02 -22.28
C PRO C 23 6.01 2.12 -21.00
N THR C 24 4.94 1.40 -20.74
CA THR C 24 4.84 0.56 -19.59
C THR C 24 3.90 -0.61 -19.95
N GLN C 25 4.13 -1.77 -19.38
CA GLN C 25 3.44 -2.96 -19.79
C GLN C 25 2.06 -2.96 -19.20
N ARG C 26 1.07 -3.05 -20.11
CA ARG C 26 -0.33 -3.05 -19.72
C ARG C 26 -1.21 -3.63 -20.79
N HIS C 27 -2.41 -3.98 -20.39
CA HIS C 27 -3.42 -4.56 -21.27
C HIS C 27 -3.97 -3.50 -22.18
N LEU C 28 -3.91 -3.74 -23.50
CA LEU C 28 -4.42 -2.86 -24.54
C LEU C 28 -5.83 -3.22 -24.98
N CYS C 29 -6.03 -4.49 -25.26
CA CYS C 29 -7.20 -4.93 -26.02
C CYS C 29 -7.39 -6.42 -25.82
N GLY C 30 -8.58 -6.90 -26.12
CA GLY C 30 -8.81 -8.32 -26.26
C GLY C 30 -8.43 -8.81 -27.65
N GLY C 31 -8.26 -10.11 -27.76
CA GLY C 31 -8.09 -10.81 -29.04
C GLY C 31 -8.77 -12.14 -28.88
N SER C 32 -8.93 -12.82 -30.01
CA SER C 32 -9.43 -14.19 -30.07
C SER C 32 -8.46 -15.05 -30.86
N ILE C 33 -7.97 -16.10 -30.24
CA ILE C 33 -7.20 -17.11 -30.97
C ILE C 33 -8.08 -17.72 -32.06
N ILE C 34 -7.58 -17.71 -33.29
CA ILE C 34 -8.22 -18.39 -34.43
C ILE C 34 -7.33 -19.42 -35.17
N GLY C 35 -6.06 -19.58 -34.79
CA GLY C 35 -5.15 -20.47 -35.50
C GLY C 35 -3.74 -20.38 -34.98
N ASN C 36 -2.93 -21.39 -35.28
CA ASN C 36 -1.50 -21.47 -34.91
C ASN C 36 -0.81 -20.13 -34.59
N GLN C 37 -0.97 -19.17 -35.48
CA GLN C 37 -0.23 -17.91 -35.47
C GLN C 37 -1.18 -16.68 -35.49
N TRP C 38 -2.50 -16.88 -35.33
CA TRP C 38 -3.50 -15.87 -35.68
C TRP C 38 -4.42 -15.44 -34.54
N ILE C 39 -4.23 -14.20 -34.13
CA ILE C 39 -5.21 -13.53 -33.31
C ILE C 39 -5.95 -12.62 -34.23
N LEU C 40 -7.26 -12.60 -34.05
CA LEU C 40 -8.14 -11.67 -34.72
C LEU C 40 -8.64 -10.69 -33.66
N THR C 41 -8.70 -9.42 -34.06
CA THR C 41 -8.98 -8.36 -33.14
C THR C 41 -9.45 -7.13 -33.91
N ALA C 42 -9.56 -5.99 -33.24
CA ALA C 42 -10.08 -4.79 -33.86
C ALA C 42 -8.92 -3.96 -34.38
N ALA C 43 -9.18 -3.17 -35.41
CA ALA C 43 -8.16 -2.32 -35.99
C ALA C 43 -7.92 -1.08 -35.16
N HIS C 44 -8.98 -0.46 -34.64
CA HIS C 44 -8.81 0.77 -33.82
C HIS C 44 -7.86 0.59 -32.59
N CYS C 45 -7.69 -0.65 -32.11
CA CYS C 45 -6.62 -1.00 -31.19
C CYS C 45 -5.17 -0.61 -31.60
N PHE C 46 -4.87 -0.33 -32.86
CA PHE C 46 -3.49 0.01 -33.28
C PHE C 46 -3.32 1.47 -33.55
N TYR C 47 -4.30 2.25 -33.08
CA TYR C 47 -4.23 3.70 -33.13
C TYR C 47 -2.83 4.25 -32.60
N GLY C 48 -1.98 4.71 -33.51
CA GLY C 48 -0.61 5.03 -33.10
C GLY C 48 0.31 3.90 -32.57
N VAL C 49 -0.12 2.62 -32.56
CA VAL C 49 0.88 1.56 -32.45
C VAL C 49 1.53 1.55 -33.80
N GLU C 50 2.81 1.91 -33.90
CA GLU C 50 3.46 2.04 -35.26
C GLU C 50 4.30 0.86 -35.60
N SER C 51 4.44 -0.06 -34.65
CA SER C 51 5.24 -1.17 -34.86
C SER C 51 4.85 -2.24 -33.92
N PRO C 52 4.86 -3.48 -34.41
CA PRO C 52 4.68 -4.67 -33.60
C PRO C 52 5.73 -4.99 -32.52
N LYS C 53 6.85 -4.25 -32.48
CA LYS C 53 7.94 -4.58 -31.51
C LYS C 53 7.57 -4.43 -30.03
N ILE C 54 6.46 -3.72 -29.78
CA ILE C 54 5.91 -3.40 -28.48
C ILE C 54 4.65 -4.24 -28.06
N LEU C 55 4.24 -5.23 -28.82
CA LEU C 55 3.07 -5.99 -28.45
C LEU C 55 3.51 -7.32 -27.90
N ARG C 56 2.66 -7.88 -27.08
CA ARG C 56 2.87 -9.16 -26.52
C ARG C 56 1.47 -9.71 -26.43
N VAL C 57 1.27 -10.98 -26.76
CA VAL C 57 0.00 -11.65 -26.62
C VAL C 57 0.19 -12.71 -25.59
N TYR C 58 -0.54 -12.63 -24.50
CA TYR C 58 -0.57 -13.71 -23.52
C TYR C 58 -1.84 -14.51 -23.70
N SER C 59 -1.73 -15.83 -23.63
CA SER C 59 -2.94 -16.65 -23.63
C SER C 59 -2.95 -17.42 -22.37
N GLY C 60 -4.08 -18.06 -22.11
CA GLY C 60 -4.27 -18.89 -20.94
C GLY C 60 -4.16 -18.05 -19.69
N ILE C 61 -4.79 -16.87 -19.77
CA ILE C 61 -4.78 -15.87 -18.72
C ILE C 61 -6.20 -15.60 -18.26
N LEU C 62 -6.31 -15.45 -16.92
CA LEU C 62 -7.54 -15.16 -16.21
C LEU C 62 -7.40 -13.86 -15.40
N ASN C 63 -6.57 -13.91 -14.34
CA ASN C 63 -6.21 -12.69 -13.56
C ASN C 63 -5.12 -11.90 -14.37
N GLN C 64 -5.17 -10.57 -14.47
CA GLN C 64 -4.05 -9.82 -15.14
C GLN C 64 -2.78 -9.88 -14.28
N SER C 65 -2.94 -9.75 -12.97
CA SER C 65 -1.87 -10.00 -12.03
C SER C 65 -1.10 -11.34 -12.14
N GLU C 66 -1.68 -12.38 -12.78
CA GLU C 66 -0.93 -13.60 -13.17
C GLU C 66 0.34 -13.32 -13.98
N ILE C 67 0.35 -12.22 -14.76
CA ILE C 67 1.40 -12.00 -15.74
C ILE C 67 2.58 -11.41 -15.02
N LYS C 68 3.66 -12.16 -14.85
CA LYS C 68 4.92 -11.68 -14.25
C LYS C 68 6.05 -11.73 -15.31
N GLU C 69 7.04 -10.86 -15.19
CA GLU C 69 8.38 -10.94 -15.85
C GLU C 69 8.75 -12.20 -16.66
N ASP C 70 8.64 -13.37 -16.03
CA ASP C 70 9.04 -14.66 -16.59
C ASP C 70 7.92 -15.40 -17.35
N THR C 71 6.71 -14.83 -17.42
CA THR C 71 5.59 -15.51 -18.14
C THR C 71 5.84 -15.57 -19.63
N SER C 72 5.40 -16.65 -20.22
CA SER C 72 5.60 -16.87 -21.64
C SER C 72 4.57 -16.04 -22.43
N PHE C 73 4.99 -15.51 -23.56
CA PHE C 73 4.09 -14.76 -24.43
C PHE C 73 4.51 -15.02 -25.82
N PHE C 74 3.63 -14.61 -26.72
CA PHE C 74 3.91 -14.61 -28.15
C PHE C 74 4.12 -13.20 -28.60
N GLY C 75 5.24 -12.96 -29.24
CA GLY C 75 5.46 -11.69 -29.90
C GLY C 75 4.59 -11.65 -31.16
N VAL C 76 4.67 -10.51 -31.85
CA VAL C 76 3.86 -10.23 -33.02
C VAL C 76 4.78 -9.83 -34.15
N GLN C 77 4.86 -10.67 -35.19
CA GLN C 77 5.66 -10.32 -36.36
C GLN C 77 5.01 -9.26 -37.25
N GLU C 78 3.73 -9.36 -37.52
CA GLU C 78 3.12 -8.45 -38.46
C GLU C 78 1.75 -7.97 -37.99
N ILE C 79 1.38 -6.76 -38.40
CA ILE C 79 0.05 -6.26 -38.10
C ILE C 79 -0.64 -6.09 -39.41
N ILE C 80 -1.72 -6.82 -39.60
CA ILE C 80 -2.49 -6.69 -40.84
C ILE C 80 -3.82 -6.06 -40.52
N ILE C 81 -3.98 -4.82 -40.93
CA ILE C 81 -5.13 -4.01 -40.67
C ILE C 81 -5.86 -4.04 -42.00
N HIS C 82 -7.17 -4.11 -41.97
CA HIS C 82 -7.93 -4.18 -43.19
C HIS C 82 -7.48 -3.05 -44.10
N ASP C 83 -7.38 -3.37 -45.39
CA ASP C 83 -6.92 -2.39 -46.35
C ASP C 83 -7.89 -1.18 -46.32
N GLN C 84 -9.20 -1.45 -46.29
CA GLN C 84 -10.25 -0.38 -46.21
C GLN C 84 -10.56 0.21 -44.81
N TYR C 85 -9.89 -0.27 -43.74
CA TYR C 85 -10.13 0.28 -42.41
C TYR C 85 -9.53 1.65 -42.34
N LYS C 86 -10.41 2.62 -42.11
CA LYS C 86 -10.00 3.98 -41.75
C LYS C 86 -10.60 4.53 -40.47
N MET C 87 -11.75 4.03 -40.04
CA MET C 87 -12.39 4.49 -38.82
C MET C 87 -13.44 3.48 -38.30
N ALA C 88 -13.49 3.26 -36.99
CA ALA C 88 -14.38 2.22 -36.40
C ALA C 88 -15.84 2.39 -36.75
N GLU C 89 -16.37 3.58 -36.52
CA GLU C 89 -17.77 3.85 -36.72
C GLU C 89 -18.21 3.55 -38.19
N SER C 90 -17.27 3.51 -39.13
CA SER C 90 -17.55 3.23 -40.52
C SER C 90 -17.02 1.88 -40.98
N GLY C 91 -16.86 0.94 -40.06
CA GLY C 91 -16.63 -0.45 -40.41
C GLY C 91 -15.21 -0.81 -40.78
N TYR C 92 -15.07 -2.02 -41.28
CA TYR C 92 -13.77 -2.64 -41.49
C TYR C 92 -12.92 -2.78 -40.24
N ASP C 93 -13.52 -2.68 -39.04
CA ASP C 93 -12.74 -2.72 -37.79
C ASP C 93 -12.32 -4.17 -37.44
N ILE C 94 -11.38 -4.65 -38.22
CA ILE C 94 -10.84 -5.99 -38.09
C ILE C 94 -9.31 -5.97 -38.29
N ALA C 95 -8.64 -6.87 -37.62
CA ALA C 95 -7.24 -6.91 -37.74
C ALA C 95 -6.74 -8.26 -37.30
N LEU C 96 -5.59 -8.67 -37.87
CA LEU C 96 -4.90 -9.89 -37.49
C LEU C 96 -3.47 -9.66 -37.05
N LEU C 97 -3.03 -10.43 -36.09
CA LEU C 97 -1.62 -10.45 -35.74
C LEU C 97 -1.01 -11.82 -36.12
N LYS C 98 0.03 -11.72 -36.92
CA LYS C 98 0.92 -12.85 -37.18
C LYS C 98 1.88 -12.84 -36.06
N LEU C 99 2.03 -14.01 -35.45
CA LEU C 99 2.93 -14.20 -34.30
C LEU C 99 4.41 -14.53 -34.69
N GLU C 100 5.33 -14.42 -33.73
CA GLU C 100 6.76 -14.76 -33.93
C GLU C 100 6.85 -16.26 -33.99
N THR C 101 5.95 -16.90 -33.25
CA THR C 101 6.03 -18.32 -32.88
C THR C 101 4.59 -18.80 -32.99
N THR C 102 4.30 -20.05 -32.64
CA THR C 102 2.92 -20.61 -32.73
C THR C 102 2.48 -21.13 -31.39
N VAL C 103 1.17 -21.24 -31.23
CA VAL C 103 0.61 -21.73 -29.96
C VAL C 103 0.73 -23.25 -29.85
N ASN C 104 1.53 -23.76 -28.93
CA ASN C 104 1.41 -25.19 -28.53
C ASN C 104 0.09 -25.26 -27.72
N TYR C 105 -1.06 -25.49 -28.36
CA TYR C 105 -2.37 -25.34 -27.66
C TYR C 105 -2.52 -26.34 -26.54
N THR C 106 -3.39 -26.01 -25.60
CA THR C 106 -3.70 -26.87 -24.47
C THR C 106 -5.23 -26.81 -24.30
N ASP C 107 -5.74 -26.85 -23.06
CA ASP C 107 -7.20 -26.78 -22.80
C ASP C 107 -7.62 -25.35 -22.69
N SER C 108 -6.71 -24.54 -22.16
CA SER C 108 -6.90 -23.14 -21.79
C SER C 108 -6.31 -22.11 -22.82
N GLN C 109 -5.98 -22.61 -24.01
CA GLN C 109 -5.46 -21.79 -25.10
C GLN C 109 -5.66 -22.52 -26.47
N ARG C 110 -6.92 -22.73 -26.82
CA ARG C 110 -7.36 -23.39 -28.03
C ARG C 110 -7.80 -22.30 -28.99
N PRO C 111 -7.95 -22.63 -30.29
CA PRO C 111 -8.60 -21.69 -31.20
C PRO C 111 -10.12 -21.76 -31.16
N ILE C 112 -10.77 -20.78 -31.76
CA ILE C 112 -12.24 -20.71 -31.97
C ILE C 112 -12.53 -20.55 -33.48
N SER C 113 -13.65 -21.10 -33.90
CA SER C 113 -14.04 -21.23 -35.30
C SER C 113 -14.82 -20.04 -35.72
N LEU C 114 -14.96 -19.91 -37.03
CA LEU C 114 -15.73 -18.85 -37.60
C LEU C 114 -17.17 -19.38 -37.93
N PRO C 115 -18.07 -18.52 -38.45
CA PRO C 115 -19.54 -18.79 -38.64
C PRO C 115 -20.05 -19.45 -39.94
N SER C 116 -21.15 -18.91 -40.53
CA SER C 116 -21.50 -18.96 -41.98
C SER C 116 -22.94 -18.44 -42.25
N TYR C 124 -28.13 -15.50 -34.30
CA TYR C 124 -27.46 -16.34 -33.28
C TYR C 124 -28.03 -16.13 -31.86
N THR C 125 -27.86 -17.15 -30.99
CA THR C 125 -28.70 -17.37 -29.75
C THR C 125 -28.01 -17.53 -28.39
N ASP C 126 -26.86 -18.22 -28.38
CA ASP C 126 -26.02 -18.36 -27.18
C ASP C 126 -24.70 -17.57 -27.37
N CYS C 127 -24.72 -16.27 -27.05
CA CYS C 127 -23.60 -15.33 -27.38
C CYS C 127 -22.91 -14.65 -26.17
N TRP C 128 -21.61 -14.88 -26.03
CA TRP C 128 -20.86 -14.33 -24.92
C TRP C 128 -19.73 -13.34 -25.33
N VAL C 129 -19.77 -12.23 -24.63
CA VAL C 129 -18.83 -11.13 -24.73
C VAL C 129 -17.85 -11.30 -23.54
N THR C 130 -16.57 -11.33 -23.84
CA THR C 130 -15.60 -11.42 -22.80
C THR C 130 -14.63 -10.26 -22.89
N GLY C 131 -13.88 -10.04 -21.83
CA GLY C 131 -12.80 -9.07 -21.90
C GLY C 131 -12.44 -8.39 -20.61
N TRP C 132 -11.42 -7.53 -20.72
CA TRP C 132 -10.91 -6.88 -19.51
C TRP C 132 -11.50 -5.54 -19.27
N GLY C 133 -11.26 -4.53 -20.03
CA GLY C 133 -12.13 -3.37 -19.80
C GLY C 133 -11.94 -2.53 -18.53
N TYR C 134 -12.40 -1.28 -18.63
CA TYR C 134 -11.95 -0.17 -17.79
C TYR C 134 -12.91 0.16 -16.70
N ARG C 135 -12.45 0.98 -15.74
CA ARG C 135 -13.25 1.59 -14.67
C ARG C 135 -13.06 3.13 -14.58
N LYS C 136 -14.20 3.81 -14.29
CA LYS C 136 -14.24 5.08 -13.49
C LYS C 136 -13.14 4.87 -12.48
N LEU C 137 -12.04 5.60 -12.62
CA LEU C 137 -11.02 5.66 -11.57
C LEU C 137 -9.69 5.13 -12.05
N ARG C 138 -8.77 6.09 -12.09
CA ARG C 138 -7.42 5.99 -12.56
C ARG C 138 -7.25 5.13 -13.83
N ASP C 139 -8.26 5.20 -14.74
CA ASP C 139 -8.28 4.51 -16.03
C ASP C 139 -7.70 3.17 -15.86
N LYS C 140 -8.29 2.46 -14.90
CA LYS C 140 -7.71 1.18 -14.40
C LYS C 140 -8.38 -0.04 -15.12
N ILE C 141 -7.69 -1.18 -15.20
CA ILE C 141 -8.15 -2.30 -16.02
C ILE C 141 -8.62 -3.42 -15.10
N GLN C 142 -9.84 -3.94 -15.32
CA GLN C 142 -10.35 -4.99 -14.45
C GLN C 142 -9.40 -6.18 -14.39
N ASN C 143 -9.11 -6.69 -13.20
CA ASN C 143 -8.12 -7.73 -13.04
C ASN C 143 -8.54 -9.14 -13.58
N THR C 144 -9.71 -9.62 -13.15
CA THR C 144 -10.17 -10.95 -13.56
C THR C 144 -11.01 -10.89 -14.76
N LEU C 145 -10.56 -11.59 -15.79
CA LEU C 145 -11.32 -11.75 -17.02
C LEU C 145 -12.81 -11.87 -16.75
N GLN C 146 -13.58 -10.95 -17.32
CA GLN C 146 -15.04 -10.90 -17.19
C GLN C 146 -15.74 -11.47 -18.40
N LYS C 147 -16.96 -11.93 -18.15
CA LYS C 147 -17.91 -12.38 -19.20
C LYS C 147 -19.34 -11.87 -18.93
N ALA C 148 -20.10 -11.73 -20.01
CA ALA C 148 -21.54 -11.47 -19.92
C ALA C 148 -22.21 -12.18 -21.06
N LYS C 149 -23.38 -12.77 -20.82
CA LYS C 149 -24.18 -13.29 -21.93
C LYS C 149 -25.06 -12.14 -22.44
N ILE C 150 -24.99 -11.90 -23.75
CA ILE C 150 -25.89 -10.91 -24.37
C ILE C 150 -26.48 -11.44 -25.69
N PRO C 151 -27.73 -11.04 -26.01
CA PRO C 151 -28.33 -11.28 -27.30
C PRO C 151 -28.20 -10.10 -28.27
N LEU C 152 -28.32 -10.43 -29.56
CA LEU C 152 -28.06 -9.51 -30.67
C LEU C 152 -29.24 -8.58 -30.83
N VAL C 153 -29.11 -7.56 -31.67
CA VAL C 153 -30.27 -6.84 -32.19
C VAL C 153 -30.05 -6.72 -33.67
N THR C 154 -31.14 -6.90 -34.39
CA THR C 154 -31.14 -6.80 -35.85
C THR C 154 -30.52 -5.46 -36.18
N ASN C 155 -29.64 -5.48 -37.18
CA ASN C 155 -29.11 -4.25 -37.80
C ASN C 155 -30.25 -3.23 -38.02
N GLU C 156 -31.41 -3.74 -38.43
CA GLU C 156 -32.68 -2.99 -38.61
C GLU C 156 -33.14 -2.22 -37.38
N GLU C 157 -33.06 -2.87 -36.22
CA GLU C 157 -33.35 -2.22 -34.93
C GLU C 157 -32.19 -1.32 -34.54
N CYS C 158 -30.96 -1.87 -34.62
CA CYS C 158 -29.72 -1.09 -34.32
C CYS C 158 -29.72 0.21 -35.10
N GLN C 159 -29.98 0.09 -36.40
CA GLN C 159 -29.97 1.23 -37.30
C GLN C 159 -30.91 2.30 -36.78
N LYS C 160 -32.11 1.85 -36.37
CA LYS C 160 -33.16 2.74 -35.87
C LYS C 160 -32.66 3.48 -34.59
N ARG C 161 -31.88 2.80 -33.73
CA ARG C 161 -31.25 3.42 -32.52
C ARG C 161 -29.89 4.15 -32.72
N TYR C 162 -29.42 4.31 -33.96
CA TYR C 162 -28.31 5.22 -34.30
C TYR C 162 -28.67 6.07 -35.56
N ARG C 163 -29.58 7.05 -35.40
CA ARG C 163 -30.15 7.88 -36.52
C ARG C 163 -29.18 8.63 -37.44
N GLY C 164 -27.98 8.96 -36.96
CA GLY C 164 -26.96 9.72 -37.72
C GLY C 164 -25.56 9.10 -37.77
N HIS C 165 -25.50 7.77 -37.69
CA HIS C 165 -24.34 6.98 -38.16
C HIS C 165 -24.97 5.83 -38.91
N LYS C 166 -24.18 5.13 -39.70
CA LYS C 166 -24.73 4.14 -40.63
C LYS C 166 -24.32 2.75 -40.28
N ILE C 167 -25.27 1.96 -39.81
CA ILE C 167 -25.03 0.56 -39.55
C ILE C 167 -25.11 -0.17 -40.88
N THR C 168 -24.07 -0.97 -41.17
CA THR C 168 -23.91 -1.67 -42.44
C THR C 168 -24.27 -3.15 -42.27
N HIS C 169 -24.19 -3.89 -43.37
CA HIS C 169 -24.34 -5.39 -43.34
C HIS C 169 -23.11 -6.07 -42.78
N LYS C 170 -22.01 -5.33 -42.71
CA LYS C 170 -20.74 -5.75 -42.10
C LYS C 170 -20.61 -5.30 -40.65
N MET C 171 -21.75 -5.01 -40.01
CA MET C 171 -21.85 -4.79 -38.58
C MET C 171 -22.95 -5.66 -37.97
N ILE C 172 -22.84 -5.88 -36.67
CA ILE C 172 -23.86 -6.62 -35.96
C ILE C 172 -23.88 -6.16 -34.51
N CYS C 173 -25.07 -5.82 -34.02
CA CYS C 173 -25.27 -5.18 -32.70
C CYS C 173 -25.81 -6.15 -31.62
N ALA C 174 -25.67 -5.75 -30.34
CA ALA C 174 -25.82 -6.66 -29.20
C ALA C 174 -25.64 -6.05 -27.79
N GLY C 175 -26.71 -5.50 -27.24
CA GLY C 175 -26.85 -5.31 -25.79
C GLY C 175 -28.14 -5.97 -25.28
N TYR C 176 -28.57 -5.48 -24.12
CA TYR C 176 -29.93 -5.65 -23.65
C TYR C 176 -30.69 -4.34 -23.92
N ARG C 177 -32.01 -4.48 -23.99
CA ARG C 177 -32.91 -3.34 -24.21
C ARG C 177 -33.03 -2.50 -22.91
N GLU C 178 -33.10 -3.14 -21.73
CA GLU C 178 -32.97 -2.40 -20.44
C GLU C 178 -31.58 -1.78 -20.23
N GLY C 179 -30.55 -2.39 -20.85
CA GLY C 179 -29.18 -1.89 -20.80
C GLY C 179 -28.37 -2.74 -19.84
N GLY C 180 -27.43 -2.12 -19.14
CA GLY C 180 -26.73 -2.79 -18.04
C GLY C 180 -25.62 -3.79 -18.32
N LYS C 181 -25.53 -4.33 -19.54
CA LYS C 181 -24.48 -5.32 -19.90
C LYS C 181 -23.80 -5.04 -21.29
N ASP C 182 -22.46 -4.98 -21.32
CA ASP C 182 -21.72 -4.53 -22.53
C ASP C 182 -20.21 -4.92 -22.53
N ALA C 183 -19.61 -4.86 -23.72
CA ALA C 183 -18.15 -4.76 -23.87
C ALA C 183 -17.79 -3.30 -24.23
N CYS C 184 -16.71 -2.82 -23.65
CA CYS C 184 -16.26 -1.43 -23.80
C CYS C 184 -14.81 -1.36 -24.25
N LYS C 185 -14.25 -0.14 -24.20
CA LYS C 185 -12.81 0.11 -24.29
C LYS C 185 -12.12 -0.91 -23.31
N GLY C 186 -10.99 -1.49 -23.75
CA GLY C 186 -10.27 -2.60 -23.03
C GLY C 186 -10.77 -4.01 -23.38
N ASP C 187 -12.09 -4.10 -23.43
CA ASP C 187 -12.72 -5.23 -24.04
C ASP C 187 -12.51 -5.15 -25.56
N SER C 188 -12.24 -3.93 -26.07
CA SER C 188 -12.22 -3.70 -27.53
C SER C 188 -11.23 -4.61 -28.27
N GLY C 189 -11.71 -5.13 -29.39
CA GLY C 189 -11.05 -6.22 -30.08
C GLY C 189 -11.44 -7.62 -29.58
N GLY C 190 -12.08 -7.68 -28.42
CA GLY C 190 -12.34 -8.98 -27.81
C GLY C 190 -13.54 -9.61 -28.46
N PRO C 191 -13.68 -10.93 -28.34
CA PRO C 191 -14.71 -11.70 -29.09
C PRO C 191 -16.15 -11.56 -28.63
N LEU C 192 -17.07 -11.62 -29.58
CA LEU C 192 -18.45 -12.10 -29.33
C LEU C 192 -18.44 -13.54 -29.81
N SER C 193 -18.34 -14.47 -28.86
CA SER C 193 -18.29 -15.90 -29.17
C SER C 193 -19.71 -16.45 -29.01
N CYS C 194 -20.26 -17.12 -30.03
CA CYS C 194 -21.56 -17.86 -29.91
C CYS C 194 -21.51 -19.40 -30.11
N LYS C 195 -22.08 -20.12 -29.14
CA LYS C 195 -22.25 -21.59 -29.23
C LYS C 195 -23.45 -21.89 -30.15
N HIS C 196 -23.19 -22.46 -31.31
CA HIS C 196 -24.26 -22.78 -32.29
C HIS C 196 -24.21 -24.28 -32.72
N ASN C 197 -25.30 -25.02 -32.55
CA ASN C 197 -25.29 -26.52 -32.59
C ASN C 197 -24.20 -27.03 -31.59
N GLU C 198 -24.14 -26.47 -30.38
CA GLU C 198 -23.09 -26.78 -29.39
C GLU C 198 -21.61 -26.52 -29.82
N VAL C 199 -21.35 -25.50 -30.64
CA VAL C 199 -19.98 -25.18 -31.10
C VAL C 199 -19.71 -23.68 -31.13
N TRP C 200 -18.60 -23.31 -30.48
CA TRP C 200 -18.10 -21.92 -30.38
C TRP C 200 -17.62 -21.37 -31.71
N HIS C 201 -18.45 -20.51 -32.34
CA HIS C 201 -18.03 -19.69 -33.49
C HIS C 201 -17.79 -18.23 -33.05
N LEU C 202 -16.82 -17.59 -33.70
CA LEU C 202 -16.44 -16.20 -33.41
C LEU C 202 -17.24 -15.25 -34.31
N VAL C 203 -18.28 -14.63 -33.79
CA VAL C 203 -19.32 -13.99 -34.64
C VAL C 203 -19.17 -12.47 -34.84
N GLY C 204 -18.83 -11.81 -33.75
CA GLY C 204 -18.52 -10.36 -33.75
C GLY C 204 -17.27 -9.97 -32.94
N ILE C 205 -16.74 -8.76 -33.20
CA ILE C 205 -15.54 -8.20 -32.53
C ILE C 205 -15.86 -6.85 -31.92
N THR C 206 -15.55 -6.65 -30.63
CA THR C 206 -15.98 -5.44 -29.88
C THR C 206 -15.27 -4.32 -30.58
N SER C 207 -16.05 -3.37 -31.11
CA SER C 207 -15.57 -2.37 -32.08
C SER C 207 -15.86 -1.00 -31.47
N TRP C 208 -17.12 -0.59 -31.43
CA TRP C 208 -17.48 0.77 -31.02
C TRP C 208 -18.86 0.81 -30.36
N GLY C 209 -19.23 1.99 -29.84
CA GLY C 209 -20.54 2.21 -29.17
C GLY C 209 -20.74 3.61 -28.64
N GLU C 210 -21.95 3.91 -28.15
CA GLU C 210 -22.32 5.24 -27.61
C GLU C 210 -22.75 5.06 -26.16
N GLY C 211 -21.94 5.57 -25.24
CA GLY C 211 -22.03 5.16 -23.83
C GLY C 211 -21.63 3.70 -23.67
N CYS C 212 -21.89 3.10 -22.50
CA CYS C 212 -21.57 1.68 -22.32
C CYS C 212 -22.63 1.02 -21.49
N ALA C 213 -23.28 0.03 -22.09
CA ALA C 213 -24.37 -0.71 -21.48
C ALA C 213 -25.61 0.14 -21.27
N GLN C 214 -25.69 1.31 -21.92
CA GLN C 214 -26.81 2.21 -21.71
C GLN C 214 -28.08 1.58 -22.27
N ARG C 215 -29.21 1.82 -21.59
CA ARG C 215 -30.57 1.40 -22.05
C ARG C 215 -30.76 1.74 -23.54
N GLU C 216 -31.06 0.72 -24.35
CA GLU C 216 -31.38 0.87 -25.80
C GLU C 216 -30.23 1.37 -26.72
N ARG C 217 -29.01 1.48 -26.18
CA ARG C 217 -27.79 1.85 -26.96
C ARG C 217 -26.83 0.65 -26.98
N PRO C 218 -27.01 -0.27 -27.94
CA PRO C 218 -26.21 -1.49 -27.95
C PRO C 218 -24.91 -1.33 -28.72
N GLY C 219 -23.98 -2.21 -28.38
CA GLY C 219 -22.63 -2.15 -28.91
C GLY C 219 -22.63 -2.53 -30.35
N VAL C 220 -21.70 -2.01 -31.12
CA VAL C 220 -21.60 -2.41 -32.48
C VAL C 220 -20.33 -3.20 -32.59
N TYR C 221 -20.45 -4.32 -33.27
CA TYR C 221 -19.42 -5.32 -33.32
C TYR C 221 -19.23 -5.59 -34.79
N THR C 222 -17.96 -5.61 -35.19
CA THR C 222 -17.57 -6.00 -36.51
C THR C 222 -18.15 -7.37 -36.83
N ASN C 223 -19.01 -7.44 -37.85
CA ASN C 223 -19.76 -8.65 -38.11
C ASN C 223 -18.86 -9.62 -38.80
N VAL C 224 -18.27 -10.51 -38.02
CA VAL C 224 -17.14 -11.27 -38.47
C VAL C 224 -17.52 -12.12 -39.65
N VAL C 225 -18.78 -12.55 -39.66
CA VAL C 225 -19.27 -13.43 -40.73
C VAL C 225 -18.94 -12.84 -42.10
N GLU C 226 -19.04 -11.52 -42.25
CA GLU C 226 -18.84 -10.87 -43.54
C GLU C 226 -17.39 -10.65 -43.97
N TYR C 227 -16.42 -11.23 -43.27
CA TYR C 227 -14.98 -10.98 -43.57
C TYR C 227 -14.22 -12.27 -43.74
N VAL C 228 -14.92 -13.40 -43.62
CA VAL C 228 -14.31 -14.72 -43.73
C VAL C 228 -13.28 -14.89 -44.87
N ASP C 229 -13.74 -14.55 -46.06
CA ASP C 229 -12.91 -14.70 -47.22
C ASP C 229 -11.69 -13.82 -47.06
N TRP C 230 -11.89 -12.54 -46.67
CA TRP C 230 -10.76 -11.69 -46.19
C TRP C 230 -9.77 -12.38 -45.20
N ILE C 231 -10.30 -13.05 -44.22
CA ILE C 231 -9.45 -13.70 -43.22
C ILE C 231 -8.50 -14.79 -43.82
N LEU C 232 -8.97 -15.49 -44.87
CA LEU C 232 -8.26 -16.68 -45.37
C LEU C 232 -7.40 -16.44 -46.58
N GLU C 233 -7.58 -15.29 -47.19
CA GLU C 233 -6.47 -14.66 -47.93
C GLU C 233 -5.22 -14.44 -47.05
N LYS C 234 -5.32 -14.71 -45.73
CA LYS C 234 -4.16 -14.62 -44.82
C LYS C 234 -3.94 -15.75 -43.77
N THR C 235 -4.92 -16.53 -43.28
CA THR C 235 -4.56 -17.64 -42.26
C THR C 235 -3.67 -18.83 -42.79
N GLN C 236 -3.06 -18.65 -43.98
CA GLN C 236 -2.20 -19.64 -44.69
C GLN C 236 -0.72 -19.54 -44.30
S SO4 D . -4.22 12.17 -16.14
O1 SO4 D . -3.31 11.23 -16.85
O2 SO4 D . -5.20 11.42 -15.32
O3 SO4 D . -3.51 13.12 -15.26
O4 SO4 D . -4.86 12.91 -17.22
S SO4 E . 8.04 0.22 -15.15
O1 SO4 E . 7.95 0.50 -16.60
O2 SO4 E . 7.62 -1.14 -14.81
O3 SO4 E . 9.43 0.32 -14.66
O4 SO4 E . 7.15 1.18 -14.48
S SO4 F . 11.65 12.92 8.85
O1 SO4 F . 12.06 12.67 7.43
O2 SO4 F . 10.72 11.89 9.37
O3 SO4 F . 10.94 14.22 8.78
O4 SO4 F . 12.78 12.93 9.79
S DMS G . 19.52 24.91 20.52
O DMS G . 20.26 23.68 20.10
C1 DMS G . 18.20 25.25 19.45
C2 DMS G . 18.81 24.74 22.07
#